data_1IH1
# 
_entry.id   1IH1 
# 
_audit_conform.dict_name       mmcif_pdbx.dic 
_audit_conform.dict_version    5.386 
_audit_conform.dict_location   http://mmcif.pdb.org/dictionaries/ascii/mmcif_pdbx.dic 
# 
loop_
_database_2.database_id 
_database_2.database_code 
_database_2.pdbx_database_accession 
_database_2.pdbx_DOI 
PDB   1IH1         pdb_00001ih1 10.2210/pdb1ih1/pdb 
NDB   BD0050       ?            ?                   
RCSB  RCSB013257   ?            ?                   
WWPDB D_1000013257 ?            ?                   
# 
loop_
_pdbx_audit_revision_history.ordinal 
_pdbx_audit_revision_history.data_content_type 
_pdbx_audit_revision_history.major_revision 
_pdbx_audit_revision_history.minor_revision 
_pdbx_audit_revision_history.revision_date 
1 'Structure model' 1 0 2001-06-18 
2 'Structure model' 1 1 2008-04-27 
3 'Structure model' 1 2 2011-07-13 
4 'Structure model' 1 3 2011-11-16 
5 'Structure model' 1 4 2017-10-04 
6 'Structure model' 1 5 2024-02-07 
# 
_pdbx_audit_revision_details.ordinal             1 
_pdbx_audit_revision_details.revision_ordinal    1 
_pdbx_audit_revision_details.data_content_type   'Structure model' 
_pdbx_audit_revision_details.provider            repository 
_pdbx_audit_revision_details.type                'Initial release' 
_pdbx_audit_revision_details.description         ? 
_pdbx_audit_revision_details.details             ? 
# 
loop_
_pdbx_audit_revision_group.ordinal 
_pdbx_audit_revision_group.revision_ordinal 
_pdbx_audit_revision_group.data_content_type 
_pdbx_audit_revision_group.group 
1 2 'Structure model' 'Version format compliance' 
2 3 'Structure model' 'Version format compliance' 
3 4 'Structure model' 'Atomic model'              
4 5 'Structure model' 'Refinement description'    
5 6 'Structure model' 'Data collection'           
6 6 'Structure model' 'Database references'       
7 6 'Structure model' 'Derived calculations'      
# 
loop_
_pdbx_audit_revision_category.ordinal 
_pdbx_audit_revision_category.revision_ordinal 
_pdbx_audit_revision_category.data_content_type 
_pdbx_audit_revision_category.category 
1 5 'Structure model' software               
2 6 'Structure model' chem_comp_atom         
3 6 'Structure model' chem_comp_bond         
4 6 'Structure model' database_2             
5 6 'Structure model' pdbx_struct_conn_angle 
6 6 'Structure model' struct_conn            
7 6 'Structure model' struct_site            
# 
loop_
_pdbx_audit_revision_item.ordinal 
_pdbx_audit_revision_item.revision_ordinal 
_pdbx_audit_revision_item.data_content_type 
_pdbx_audit_revision_item.item 
1  6 'Structure model' '_database_2.pdbx_DOI'                        
2  6 'Structure model' '_database_2.pdbx_database_accession'         
3  6 'Structure model' '_pdbx_struct_conn_angle.ptnr1_auth_asym_id'  
4  6 'Structure model' '_pdbx_struct_conn_angle.ptnr1_auth_comp_id'  
5  6 'Structure model' '_pdbx_struct_conn_angle.ptnr1_auth_seq_id'   
6  6 'Structure model' '_pdbx_struct_conn_angle.ptnr1_label_asym_id' 
7  6 'Structure model' '_pdbx_struct_conn_angle.ptnr1_label_atom_id' 
8  6 'Structure model' '_pdbx_struct_conn_angle.ptnr1_label_comp_id' 
9  6 'Structure model' '_pdbx_struct_conn_angle.ptnr1_label_seq_id'  
10 6 'Structure model' '_pdbx_struct_conn_angle.ptnr2_auth_comp_id'  
11 6 'Structure model' '_pdbx_struct_conn_angle.ptnr2_auth_seq_id'   
12 6 'Structure model' '_pdbx_struct_conn_angle.ptnr2_label_asym_id' 
13 6 'Structure model' '_pdbx_struct_conn_angle.ptnr2_label_atom_id' 
14 6 'Structure model' '_pdbx_struct_conn_angle.ptnr2_label_comp_id' 
15 6 'Structure model' '_pdbx_struct_conn_angle.ptnr3_auth_asym_id'  
16 6 'Structure model' '_pdbx_struct_conn_angle.ptnr3_auth_comp_id'  
17 6 'Structure model' '_pdbx_struct_conn_angle.ptnr3_auth_seq_id'   
18 6 'Structure model' '_pdbx_struct_conn_angle.ptnr3_label_asym_id' 
19 6 'Structure model' '_pdbx_struct_conn_angle.ptnr3_label_atom_id' 
20 6 'Structure model' '_pdbx_struct_conn_angle.ptnr3_label_comp_id' 
21 6 'Structure model' '_pdbx_struct_conn_angle.value'               
22 6 'Structure model' '_struct_conn.pdbx_dist_value'                
23 6 'Structure model' '_struct_conn.ptnr1_auth_comp_id'             
24 6 'Structure model' '_struct_conn.ptnr1_auth_seq_id'              
25 6 'Structure model' '_struct_conn.ptnr1_label_asym_id'            
26 6 'Structure model' '_struct_conn.ptnr1_label_atom_id'            
27 6 'Structure model' '_struct_conn.ptnr1_label_comp_id'            
28 6 'Structure model' '_struct_conn.ptnr1_label_seq_id'             
29 6 'Structure model' '_struct_conn.ptnr2_auth_asym_id'             
30 6 'Structure model' '_struct_conn.ptnr2_auth_comp_id'             
31 6 'Structure model' '_struct_conn.ptnr2_auth_seq_id'              
32 6 'Structure model' '_struct_conn.ptnr2_label_asym_id'            
33 6 'Structure model' '_struct_conn.ptnr2_label_atom_id'            
34 6 'Structure model' '_struct_conn.ptnr2_label_comp_id'            
35 6 'Structure model' '_struct_site.pdbx_auth_asym_id'              
36 6 'Structure model' '_struct_site.pdbx_auth_comp_id'              
37 6 'Structure model' '_struct_site.pdbx_auth_seq_id'               
# 
_pdbx_database_status.status_code                     REL 
_pdbx_database_status.entry_id                        1IH1 
_pdbx_database_status.recvd_initial_deposition_date   2001-04-18 
_pdbx_database_status.deposit_site                    RCSB 
_pdbx_database_status.process_site                    RCSB 
_pdbx_database_status.status_code_sf                  REL 
_pdbx_database_status.SG_entry                        . 
_pdbx_database_status.pdb_format_compatible           Y 
_pdbx_database_status.status_code_mr                  ? 
_pdbx_database_status.status_code_cs                  ? 
_pdbx_database_status.methods_development_category    ? 
_pdbx_database_status.status_code_nmr_data            ? 
# 
loop_
_pdbx_database_related.db_name 
_pdbx_database_related.db_id 
_pdbx_database_related.details 
_pdbx_database_related.content_type 
PDB 1F69 'Crystal structure of the B-DNA hexamer GGCGCC resolved to 2.6 angstrom resolution' unspecified 
PDB 1IH2 'Crystal Structure of GGBr5CGBr5CC'                                                 unspecified 
PDB 1IH3 'Multi-Conformation Crystal Structure of GGm5CGm5CC'                                unspecified 
PDB 1IH4 'Multi-Conformation Crystal Structure of GGm5CGCC'                                  unspecified 
PDB 1IH6 'Multi-Conformation Crystal Structure of GGBr5CGCC'                                 unspecified 
# 
loop_
_audit_author.name 
_audit_author.pdbx_ordinal 
'Vargason, J.M.' 1 
'Henderson, K.'  2 
'Ho, P.S.'       3 
# 
_citation.id                        primary 
_citation.title                     'A crystallographic map of the transition from B-DNA to A-DNA.' 
_citation.journal_abbrev            Proc.Natl.Acad.Sci.USA 
_citation.journal_volume            98 
_citation.page_first                7265 
_citation.page_last                 7270 
_citation.year                      2001 
_citation.journal_id_ASTM           PNASA6 
_citation.country                   US 
_citation.journal_id_ISSN           0027-8424 
_citation.journal_id_CSD            0040 
_citation.book_publisher            ? 
_citation.pdbx_database_id_PubMed   11390969 
_citation.pdbx_database_id_DOI      10.1073/pnas.121176898 
# 
loop_
_citation_author.citation_id 
_citation_author.name 
_citation_author.ordinal 
_citation_author.identifier_ORCID 
primary 'Vargason, J.M.' 1 ? 
primary 'Henderson, K.'  2 ? 
primary 'Ho, P.S.'       3 ? 
# 
loop_
_entity.id 
_entity.type 
_entity.src_method 
_entity.pdbx_description 
_entity.formula_weight 
_entity.pdbx_number_of_molecules 
_entity.pdbx_ec 
_entity.pdbx_mutation 
_entity.pdbx_fragment 
_entity.details 
1 polymer     syn "5'-D(*GP*GP*CP*GP*CP*C)-3'" 1810.205 2  ? ? ? ? 
2 non-polymer syn 'MAGNESIUM ION'              24.305   1  ? ? ? ? 
3 non-polymer syn 'COBALT HEXAMMINE(III)'      161.116  1  ? ? ? ? 
4 water       nat water                        18.015   33 ? ? ? ? 
# 
_entity_poly.entity_id                      1 
_entity_poly.type                           polydeoxyribonucleotide 
_entity_poly.nstd_linkage                   no 
_entity_poly.nstd_monomer                   no 
_entity_poly.pdbx_seq_one_letter_code       '(DG)(DG)(DC)(DG)(DC)(DC)' 
_entity_poly.pdbx_seq_one_letter_code_can   GGCGCC 
_entity_poly.pdbx_strand_id                 A,B 
_entity_poly.pdbx_target_identifier         ? 
# 
loop_
_pdbx_entity_nonpoly.entity_id 
_pdbx_entity_nonpoly.name 
_pdbx_entity_nonpoly.comp_id 
2 'MAGNESIUM ION'         MG  
3 'COBALT HEXAMMINE(III)' NCO 
4 water                   HOH 
# 
loop_
_entity_poly_seq.entity_id 
_entity_poly_seq.num 
_entity_poly_seq.mon_id 
_entity_poly_seq.hetero 
1 1 DG n 
1 2 DG n 
1 3 DC n 
1 4 DG n 
1 5 DC n 
1 6 DC n 
# 
loop_
_chem_comp.id 
_chem_comp.type 
_chem_comp.mon_nstd_flag 
_chem_comp.name 
_chem_comp.pdbx_synonyms 
_chem_comp.formula 
_chem_comp.formula_weight 
DC  'DNA linking' y "2'-DEOXYCYTIDINE-5'-MONOPHOSPHATE"  ? 'C9 H14 N3 O7 P'  307.197 
DG  'DNA linking' y "2'-DEOXYGUANOSINE-5'-MONOPHOSPHATE" ? 'C10 H14 N5 O7 P' 347.221 
HOH non-polymer   . WATER                                ? 'H2 O'            18.015  
MG  non-polymer   . 'MAGNESIUM ION'                      ? 'Mg 2'            24.305  
NCO non-polymer   . 'COBALT HEXAMMINE(III)'              ? 'Co H18 N6 3'     161.116 
# 
loop_
_pdbx_poly_seq_scheme.asym_id 
_pdbx_poly_seq_scheme.entity_id 
_pdbx_poly_seq_scheme.seq_id 
_pdbx_poly_seq_scheme.mon_id 
_pdbx_poly_seq_scheme.ndb_seq_num 
_pdbx_poly_seq_scheme.pdb_seq_num 
_pdbx_poly_seq_scheme.auth_seq_num 
_pdbx_poly_seq_scheme.pdb_mon_id 
_pdbx_poly_seq_scheme.auth_mon_id 
_pdbx_poly_seq_scheme.pdb_strand_id 
_pdbx_poly_seq_scheme.pdb_ins_code 
_pdbx_poly_seq_scheme.hetero 
A 1 1 DG 1 1  1  DG G A . n 
A 1 2 DG 2 2  2  DG G A . n 
A 1 3 DC 3 3  3  DC C A . n 
A 1 4 DG 4 4  4  DG G A . n 
A 1 5 DC 5 5  5  DC C A . n 
A 1 6 DC 6 6  6  DC C A . n 
B 1 1 DG 1 7  7  DG G B . n 
B 1 2 DG 2 8  8  DG G B . n 
B 1 3 DC 3 9  9  DC C B . n 
B 1 4 DG 4 10 10 DG G B . n 
B 1 5 DC 5 11 11 DC C B . n 
B 1 6 DC 6 12 12 DC C B . n 
# 
loop_
_pdbx_nonpoly_scheme.asym_id 
_pdbx_nonpoly_scheme.entity_id 
_pdbx_nonpoly_scheme.mon_id 
_pdbx_nonpoly_scheme.ndb_seq_num 
_pdbx_nonpoly_scheme.pdb_seq_num 
_pdbx_nonpoly_scheme.auth_seq_num 
_pdbx_nonpoly_scheme.pdb_mon_id 
_pdbx_nonpoly_scheme.auth_mon_id 
_pdbx_nonpoly_scheme.pdb_strand_id 
_pdbx_nonpoly_scheme.pdb_ins_code 
C 2 MG  1  13 13 MG  MO6 A . 
D 3 NCO 1  14 14 NCO NCO A . 
E 4 HOH 1  18 18 HOH HOH A . 
E 4 HOH 2  20 20 HOH HOH A . 
E 4 HOH 3  24 24 HOH HOH A . 
E 4 HOH 4  25 25 HOH HOH A . 
E 4 HOH 5  36 36 HOH HOH A . 
E 4 HOH 6  39 39 HOH HOH A . 
E 4 HOH 7  40 40 HOH HOH A . 
E 4 HOH 8  41 41 HOH HOH A . 
E 4 HOH 9  43 13 HOH MO6 A . 
E 4 HOH 10 44 13 HOH MO6 A . 
E 4 HOH 11 46 13 HOH MO6 A . 
F 4 HOH 1  15 15 HOH HOH B . 
F 4 HOH 2  16 16 HOH HOH B . 
F 4 HOH 3  17 17 HOH HOH B . 
F 4 HOH 4  19 19 HOH HOH B . 
F 4 HOH 5  21 21 HOH HOH B . 
F 4 HOH 6  22 22 HOH HOH B . 
F 4 HOH 7  23 23 HOH HOH B . 
F 4 HOH 8  26 26 HOH HOH B . 
F 4 HOH 9  27 27 HOH HOH B . 
F 4 HOH 10 28 28 HOH HOH B . 
F 4 HOH 11 29 29 HOH HOH B . 
F 4 HOH 12 30 30 HOH HOH B . 
F 4 HOH 13 31 31 HOH HOH B . 
F 4 HOH 14 32 32 HOH HOH B . 
F 4 HOH 15 33 33 HOH HOH B . 
F 4 HOH 16 34 34 HOH HOH B . 
F 4 HOH 17 35 35 HOH HOH B . 
F 4 HOH 18 37 37 HOH HOH B . 
F 4 HOH 19 38 38 HOH HOH B . 
F 4 HOH 20 42 13 HOH MO6 B . 
F 4 HOH 21 45 13 HOH MO6 B . 
F 4 HOH 22 47 13 HOH MO6 B . 
# 
loop_
_software.name 
_software.classification 
_software.version 
_software.citation_id 
_software.pdbx_ordinal 
AMoRE     phasing        .   ? 1 
CNS       refinement     0.9 ? 2 
SCALEPACK 'data scaling' .   ? 3 
# 
_cell.entry_id           1IH1 
_cell.length_a           42.595 
_cell.length_b           42.595 
_cell.length_c           63.503 
_cell.angle_alpha        90.00 
_cell.angle_beta         90.00 
_cell.angle_gamma        90.00 
_cell.Z_PDB              16 
_cell.pdbx_unique_axis   ? 
# 
_symmetry.entry_id                         1IH1 
_symmetry.space_group_name_H-M             'P 41 2 2' 
_symmetry.pdbx_full_space_group_name_H-M   ? 
_symmetry.cell_setting                     ? 
_symmetry.Int_Tables_number                91 
# 
_exptl.entry_id          1IH1 
_exptl.method            'X-RAY DIFFRACTION' 
_exptl.crystals_number   1 
# 
_exptl_crystal.id                    1 
_exptl_crystal.density_meas          ? 
_exptl_crystal.density_Matthews      3.78 
_exptl_crystal.density_percent_sol   67.44 
_exptl_crystal.description           ? 
# 
_exptl_crystal_grow.crystal_id      1 
_exptl_crystal_grow.method          'VAPOR DIFFUSION, SITTING DROP' 
_exptl_crystal_grow.temp            298 
_exptl_crystal_grow.temp_details    ? 
_exptl_crystal_grow.pH              6.0 
_exptl_crystal_grow.pdbx_details    
;magnesium chloride, sodium cacodylate, spermine tetrahydrochloride, cobalt hexamine, pH 6.0, VAPOR DIFFUSION, SITTING DROP, temperature 298K
;
_exptl_crystal_grow.pdbx_pH_range   ? 
# 
loop_
_exptl_crystal_grow_comp.crystal_id 
_exptl_crystal_grow_comp.id 
_exptl_crystal_grow_comp.sol_id 
_exptl_crystal_grow_comp.name 
_exptl_crystal_grow_comp.volume 
_exptl_crystal_grow_comp.conc 
_exptl_crystal_grow_comp.details 
1 1 1 'magnesium chloride'          ? ? ? 
1 2 1 'sodium cacodylate'           ? ? ? 
1 3 1 'spermine tetrahydrochloride' ? ? ? 
1 4 1 'cobalt hexamine'             ? ? ? 
# 
_diffrn.id                     1 
_diffrn.ambient_temp           298 
_diffrn.ambient_temp_details   ? 
_diffrn.crystal_id             1 
# 
_diffrn_detector.diffrn_id              1 
_diffrn_detector.detector               'IMAGE PLATE' 
_diffrn_detector.type                   'RIGAKU RAXIS IV' 
_diffrn_detector.pdbx_collection_date   2000-09-26 
_diffrn_detector.details                mirrors 
# 
_diffrn_radiation.diffrn_id                        1 
_diffrn_radiation.wavelength_id                    1 
_diffrn_radiation.pdbx_monochromatic_or_laue_m_l   M 
_diffrn_radiation.monochromator                    'Yale Mirrors' 
_diffrn_radiation.pdbx_diffrn_protocol             'SINGLE WAVELENGTH' 
_diffrn_radiation.pdbx_scattering_type             x-ray 
# 
_diffrn_radiation_wavelength.id           1 
_diffrn_radiation_wavelength.wavelength   1.5418 
_diffrn_radiation_wavelength.wt           1.0 
# 
_diffrn_source.diffrn_id                   1 
_diffrn_source.source                      'ROTATING ANODE' 
_diffrn_source.type                        'RIGAKU RU300' 
_diffrn_source.pdbx_synchrotron_site       ? 
_diffrn_source.pdbx_synchrotron_beamline   ? 
_diffrn_source.pdbx_wavelength             ? 
_diffrn_source.pdbx_wavelength_list        1.5418 
# 
_reflns.entry_id                     1IH1 
_reflns.observed_criterion_sigma_I   0.0 
_reflns.observed_criterion_sigma_F   0.0 
_reflns.d_resolution_low             99.0 
_reflns.d_resolution_high            2.0 
_reflns.number_obs                   4225 
_reflns.number_all                   4225 
_reflns.percent_possible_obs         97.5 
_reflns.pdbx_Rmerge_I_obs            0.0600000 
_reflns.pdbx_Rsym_value              ? 
_reflns.pdbx_netI_over_sigmaI        15.2 
_reflns.B_iso_Wilson_estimate        52.4 
_reflns.pdbx_redundancy              4.5 
_reflns.R_free_details               ? 
_reflns.pdbx_diffrn_id               1 
_reflns.pdbx_ordinal                 1 
# 
_reflns_shell.d_res_high             2.0 
_reflns_shell.d_res_low              2.07 
_reflns_shell.percent_possible_all   95.0 
_reflns_shell.Rmerge_I_obs           0.4260000 
_reflns_shell.pdbx_Rsym_value        ? 
_reflns_shell.meanI_over_sigI_obs    ? 
_reflns_shell.pdbx_redundancy        3.0 
_reflns_shell.percent_possible_obs   ? 
_reflns_shell.number_unique_all      ? 
_reflns_shell.pdbx_diffrn_id         ? 
_reflns_shell.pdbx_ordinal           1 
# 
_refine.entry_id                                 1IH1 
_refine.ls_number_reflns_obs                     4207 
_refine.ls_number_reflns_all                     4207 
_refine.pdbx_ls_sigma_I                          0.0 
_refine.pdbx_ls_sigma_F                          0.0 
_refine.pdbx_data_cutoff_high_absF               ? 
_refine.pdbx_data_cutoff_low_absF                ? 
_refine.ls_d_res_low                             20.0 
_refine.ls_d_res_high                            2.0 
_refine.ls_percent_reflns_obs                    ? 
_refine.ls_R_factor_obs                          0.2400000 
_refine.ls_R_factor_all                          0.2400000 
_refine.ls_R_factor_R_work                       0.2280000 
_refine.ls_R_factor_R_free                       0.2450000 
_refine.ls_R_factor_R_free_error                 ? 
_refine.ls_R_factor_R_free_error_details         ? 
_refine.ls_percent_reflns_R_free                 ? 
_refine.ls_number_reflns_R_free                  369 
_refine.ls_number_parameters                     ? 
_refine.ls_number_restraints                     ? 
_refine.occupancy_min                            ? 
_refine.occupancy_max                            ? 
_refine.B_iso_mean                               ? 
_refine.aniso_B[1][1]                            ? 
_refine.aniso_B[2][2]                            ? 
_refine.aniso_B[3][3]                            ? 
_refine.aniso_B[1][2]                            ? 
_refine.aniso_B[1][3]                            ? 
_refine.aniso_B[2][3]                            ? 
_refine.solvent_model_details                    ? 
_refine.solvent_model_param_ksol                 ? 
_refine.solvent_model_param_bsol                 ? 
_refine.pdbx_ls_cross_valid_method               ? 
_refine.details                                  ? 
_refine.pdbx_starting_model                      ? 
_refine.pdbx_method_to_determine_struct          'MOLECULAR REPLACEMENT' 
_refine.pdbx_isotropic_thermal_model             ? 
_refine.pdbx_stereochemistry_target_values       'G.Parkinson, J.Vojtechovsky, L.Clowney, A.T.Brunger, H.M.Berman' 
_refine.pdbx_stereochem_target_val_spec_case     ? 
_refine.pdbx_R_Free_selection_details            Random 
_refine.pdbx_overall_ESU_R_Free                  ? 
_refine.overall_SU_B                             ? 
_refine.ls_redundancy_reflns_obs                 ? 
_refine.correlation_coeff_Fo_to_Fc               ? 
_refine.correlation_coeff_Fo_to_Fc_free          ? 
_refine.overall_SU_R_Cruickshank_DPI             ? 
_refine.overall_SU_R_free                        ? 
_refine.overall_SU_ML                            ? 
_refine.pdbx_overall_ESU_R                       ? 
_refine.pdbx_data_cutoff_high_rms_absF           ? 
_refine.pdbx_refine_id                           'X-RAY DIFFRACTION' 
_refine.pdbx_diffrn_id                           1 
_refine.pdbx_TLS_residual_ADP_flag               ? 
_refine.pdbx_solvent_vdw_probe_radii             ? 
_refine.pdbx_solvent_ion_probe_radii             ? 
_refine.pdbx_solvent_shrinkage_radii             ? 
_refine.pdbx_overall_phase_error                 ? 
_refine.pdbx_overall_SU_R_free_Cruickshank_DPI   ? 
_refine.pdbx_overall_SU_R_Blow_DPI               ? 
_refine.pdbx_overall_SU_R_free_Blow_DPI          ? 
# 
_refine_hist.pdbx_refine_id                   'X-RAY DIFFRACTION' 
_refine_hist.cycle_id                         LAST 
_refine_hist.pdbx_number_atoms_protein        0 
_refine_hist.pdbx_number_atoms_nucleic_acid   240 
_refine_hist.pdbx_number_atoms_ligand         10 
_refine_hist.number_atoms_solvent             27 
_refine_hist.number_atoms_total               277 
_refine_hist.d_res_high                       2.0 
_refine_hist.d_res_low                        20.0 
# 
loop_
_refine_ls_restr.type 
_refine_ls_restr.dev_ideal 
_refine_ls_restr.dev_ideal_target 
_refine_ls_restr.weight 
_refine_ls_restr.number 
_refine_ls_restr.pdbx_refine_id 
_refine_ls_restr.pdbx_restraint_function 
c_bond_d    0.003 ? ? ? 'X-RAY DIFFRACTION' ? 
c_angle_deg 1.01  ? ? ? 'X-RAY DIFFRACTION' ? 
# 
_struct.entry_id                  1IH1 
_struct.title                     'Crystal Structure of the B-DNA Hexamer GGCGCC with Cobalt Hexamine Resolved to 2.0 Angstroms' 
_struct.pdbx_model_details        ? 
_struct.pdbx_CASP_flag            ? 
_struct.pdbx_model_type_details   ? 
# 
_struct_keywords.entry_id        1IH1 
_struct_keywords.pdbx_keywords   DNA 
_struct_keywords.text            'B to A DNA transition, DNA transition, structural transition, DNA' 
# 
loop_
_struct_asym.id 
_struct_asym.pdbx_blank_PDB_chainid_flag 
_struct_asym.pdbx_modified 
_struct_asym.entity_id 
_struct_asym.details 
A N N 1 ? 
B N N 1 ? 
C N N 2 ? 
D N N 3 ? 
E N N 4 ? 
F N N 4 ? 
# 
_struct_ref.id                         1 
_struct_ref.entity_id                  1 
_struct_ref.db_name                    PDB 
_struct_ref.db_code                    1IH1 
_struct_ref.pdbx_db_accession          1IH1 
_struct_ref.pdbx_db_isoform            ? 
_struct_ref.pdbx_seq_one_letter_code   ? 
_struct_ref.pdbx_align_begin           ? 
# 
loop_
_struct_ref_seq.align_id 
_struct_ref_seq.ref_id 
_struct_ref_seq.pdbx_PDB_id_code 
_struct_ref_seq.pdbx_strand_id 
_struct_ref_seq.seq_align_beg 
_struct_ref_seq.pdbx_seq_align_beg_ins_code 
_struct_ref_seq.seq_align_end 
_struct_ref_seq.pdbx_seq_align_end_ins_code 
_struct_ref_seq.pdbx_db_accession 
_struct_ref_seq.db_align_beg 
_struct_ref_seq.pdbx_db_align_beg_ins_code 
_struct_ref_seq.db_align_end 
_struct_ref_seq.pdbx_db_align_end_ins_code 
_struct_ref_seq.pdbx_auth_seq_align_beg 
_struct_ref_seq.pdbx_auth_seq_align_end 
1 1 1IH1 A 1 ? 6 ? 1IH1 1 ? 6  ? 1 6  
2 1 1IH1 B 1 ? 6 ? 1IH1 7 ? 12 ? 7 12 
# 
_pdbx_struct_assembly.id                   1 
_pdbx_struct_assembly.details              author_defined_assembly 
_pdbx_struct_assembly.method_details       ? 
_pdbx_struct_assembly.oligomeric_details   dimeric 
_pdbx_struct_assembly.oligomeric_count     2 
# 
_pdbx_struct_assembly_gen.assembly_id       1 
_pdbx_struct_assembly_gen.oper_expression   1 
_pdbx_struct_assembly_gen.asym_id_list      A,B,C,D,E,F 
# 
_pdbx_struct_oper_list.id                   1 
_pdbx_struct_oper_list.type                 'identity operation' 
_pdbx_struct_oper_list.name                 1_555 
_pdbx_struct_oper_list.symmetry_operation   x,y,z 
_pdbx_struct_oper_list.matrix[1][1]         1.0000000000 
_pdbx_struct_oper_list.matrix[1][2]         0.0000000000 
_pdbx_struct_oper_list.matrix[1][3]         0.0000000000 
_pdbx_struct_oper_list.vector[1]            0.0000000000 
_pdbx_struct_oper_list.matrix[2][1]         0.0000000000 
_pdbx_struct_oper_list.matrix[2][2]         1.0000000000 
_pdbx_struct_oper_list.matrix[2][3]         0.0000000000 
_pdbx_struct_oper_list.vector[2]            0.0000000000 
_pdbx_struct_oper_list.matrix[3][1]         0.0000000000 
_pdbx_struct_oper_list.matrix[3][2]         0.0000000000 
_pdbx_struct_oper_list.matrix[3][3]         1.0000000000 
_pdbx_struct_oper_list.vector[3]            0.0000000000 
# 
_struct_biol.id                    1 
_struct_biol.pdbx_parent_biol_id   ? 
_struct_biol.details               ? 
# 
loop_
_struct_conn.id 
_struct_conn.conn_type_id 
_struct_conn.pdbx_leaving_atom_flag 
_struct_conn.pdbx_PDB_id 
_struct_conn.ptnr1_label_asym_id 
_struct_conn.ptnr1_label_comp_id 
_struct_conn.ptnr1_label_seq_id 
_struct_conn.ptnr1_label_atom_id 
_struct_conn.pdbx_ptnr1_label_alt_id 
_struct_conn.pdbx_ptnr1_PDB_ins_code 
_struct_conn.pdbx_ptnr1_standard_comp_id 
_struct_conn.ptnr1_symmetry 
_struct_conn.ptnr2_label_asym_id 
_struct_conn.ptnr2_label_comp_id 
_struct_conn.ptnr2_label_seq_id 
_struct_conn.ptnr2_label_atom_id 
_struct_conn.pdbx_ptnr2_label_alt_id 
_struct_conn.pdbx_ptnr2_PDB_ins_code 
_struct_conn.ptnr1_auth_asym_id 
_struct_conn.ptnr1_auth_comp_id 
_struct_conn.ptnr1_auth_seq_id 
_struct_conn.ptnr2_auth_asym_id 
_struct_conn.ptnr2_auth_comp_id 
_struct_conn.ptnr2_auth_seq_id 
_struct_conn.ptnr2_symmetry 
_struct_conn.pdbx_ptnr3_label_atom_id 
_struct_conn.pdbx_ptnr3_label_seq_id 
_struct_conn.pdbx_ptnr3_label_comp_id 
_struct_conn.pdbx_ptnr3_label_asym_id 
_struct_conn.pdbx_ptnr3_label_alt_id 
_struct_conn.pdbx_ptnr3_PDB_ins_code 
_struct_conn.details 
_struct_conn.pdbx_dist_value 
_struct_conn.pdbx_value_order 
_struct_conn.pdbx_role 
metalc1  metalc ? ? A DG 1 N7 ? ? ? 1_555 D NCO . CO ? ? A DG 1  A NCO 14 1_555 ? ? ? ? ? ? ?            2.183 ? ? 
metalc2  metalc ? ? C MG . MG ? ? ? 1_555 E HOH . O  ? ? A MG 13 A HOH 43 1_555 ? ? ? ? ? ? ?            2.019 ? ? 
metalc3  metalc ? ? C MG . MG ? ? ? 1_555 E HOH . O  ? ? A MG 13 A HOH 44 1_555 ? ? ? ? ? ? ?            2.008 ? ? 
metalc4  metalc ? ? C MG . MG ? ? ? 1_555 E HOH . O  ? ? A MG 13 A HOH 46 1_555 ? ? ? ? ? ? ?            1.998 ? ? 
metalc5  metalc ? ? C MG . MG ? ? ? 1_555 F HOH . O  ? ? A MG 13 B HOH 42 1_555 ? ? ? ? ? ? ?            2.037 ? ? 
metalc6  metalc ? ? C MG . MG ? ? ? 1_555 F HOH . O  ? ? A MG 13 B HOH 45 1_555 ? ? ? ? ? ? ?            2.014 ? ? 
metalc7  metalc ? ? C MG . MG ? ? ? 1_555 F HOH . O  ? ? A MG 13 B HOH 47 1_555 ? ? ? ? ? ? ?            2.028 ? ? 
hydrog1  hydrog ? ? A DG 1 N1 ? ? ? 1_555 B DC  6 N3 ? ? A DG 1  B DC  12 1_555 ? ? ? ? ? ? WATSON-CRICK ?     ? ? 
hydrog2  hydrog ? ? A DG 1 N2 ? ? ? 1_555 B DC  6 O2 ? ? A DG 1  B DC  12 1_555 ? ? ? ? ? ? WATSON-CRICK ?     ? ? 
hydrog3  hydrog ? ? A DG 1 O6 ? ? ? 1_555 B DC  6 N4 ? ? A DG 1  B DC  12 1_555 ? ? ? ? ? ? WATSON-CRICK ?     ? ? 
hydrog4  hydrog ? ? A DG 2 N1 ? ? ? 1_555 B DC  5 N3 ? ? A DG 2  B DC  11 1_555 ? ? ? ? ? ? WATSON-CRICK ?     ? ? 
hydrog5  hydrog ? ? A DG 2 N2 ? ? ? 1_555 B DC  5 O2 ? ? A DG 2  B DC  11 1_555 ? ? ? ? ? ? WATSON-CRICK ?     ? ? 
hydrog6  hydrog ? ? A DG 2 O6 ? ? ? 1_555 B DC  5 N4 ? ? A DG 2  B DC  11 1_555 ? ? ? ? ? ? WATSON-CRICK ?     ? ? 
hydrog7  hydrog ? ? A DC 3 N3 ? ? ? 1_555 B DG  4 N1 ? ? A DC 3  B DG  10 1_555 ? ? ? ? ? ? WATSON-CRICK ?     ? ? 
hydrog8  hydrog ? ? A DC 3 N4 ? ? ? 1_555 B DG  4 O6 ? ? A DC 3  B DG  10 1_555 ? ? ? ? ? ? WATSON-CRICK ?     ? ? 
hydrog9  hydrog ? ? A DC 3 O2 ? ? ? 1_555 B DG  4 N2 ? ? A DC 3  B DG  10 1_555 ? ? ? ? ? ? WATSON-CRICK ?     ? ? 
hydrog10 hydrog ? ? A DG 4 N1 ? ? ? 1_555 B DC  3 N3 ? ? A DG 4  B DC  9  1_555 ? ? ? ? ? ? WATSON-CRICK ?     ? ? 
hydrog11 hydrog ? ? A DG 4 N2 ? ? ? 1_555 B DC  3 O2 ? ? A DG 4  B DC  9  1_555 ? ? ? ? ? ? WATSON-CRICK ?     ? ? 
hydrog12 hydrog ? ? A DG 4 O6 ? ? ? 1_555 B DC  3 N4 ? ? A DG 4  B DC  9  1_555 ? ? ? ? ? ? WATSON-CRICK ?     ? ? 
hydrog13 hydrog ? ? A DC 5 N3 ? ? ? 1_555 B DG  2 N1 ? ? A DC 5  B DG  8  1_555 ? ? ? ? ? ? WATSON-CRICK ?     ? ? 
hydrog14 hydrog ? ? A DC 5 N4 ? ? ? 1_555 B DG  2 O6 ? ? A DC 5  B DG  8  1_555 ? ? ? ? ? ? WATSON-CRICK ?     ? ? 
hydrog15 hydrog ? ? A DC 5 O2 ? ? ? 1_555 B DG  2 N2 ? ? A DC 5  B DG  8  1_555 ? ? ? ? ? ? WATSON-CRICK ?     ? ? 
hydrog16 hydrog ? ? A DC 6 N3 ? ? ? 1_555 B DG  1 N1 ? ? A DC 6  B DG  7  1_555 ? ? ? ? ? ? WATSON-CRICK ?     ? ? 
hydrog17 hydrog ? ? A DC 6 N4 ? ? ? 1_555 B DG  1 O6 ? ? A DC 6  B DG  7  1_555 ? ? ? ? ? ? WATSON-CRICK ?     ? ? 
hydrog18 hydrog ? ? A DC 6 O2 ? ? ? 1_555 B DG  1 N2 ? ? A DC 6  B DG  7  1_555 ? ? ? ? ? ? WATSON-CRICK ?     ? ? 
# 
loop_
_struct_conn_type.id 
_struct_conn_type.criteria 
_struct_conn_type.reference 
metalc ? ? 
hydrog ? ? 
# 
loop_
_pdbx_struct_conn_angle.id 
_pdbx_struct_conn_angle.ptnr1_label_atom_id 
_pdbx_struct_conn_angle.ptnr1_label_alt_id 
_pdbx_struct_conn_angle.ptnr1_label_asym_id 
_pdbx_struct_conn_angle.ptnr1_label_comp_id 
_pdbx_struct_conn_angle.ptnr1_label_seq_id 
_pdbx_struct_conn_angle.ptnr1_auth_atom_id 
_pdbx_struct_conn_angle.ptnr1_auth_asym_id 
_pdbx_struct_conn_angle.ptnr1_auth_comp_id 
_pdbx_struct_conn_angle.ptnr1_auth_seq_id 
_pdbx_struct_conn_angle.ptnr1_PDB_ins_code 
_pdbx_struct_conn_angle.ptnr1_symmetry 
_pdbx_struct_conn_angle.ptnr2_label_atom_id 
_pdbx_struct_conn_angle.ptnr2_label_alt_id 
_pdbx_struct_conn_angle.ptnr2_label_asym_id 
_pdbx_struct_conn_angle.ptnr2_label_comp_id 
_pdbx_struct_conn_angle.ptnr2_label_seq_id 
_pdbx_struct_conn_angle.ptnr2_auth_atom_id 
_pdbx_struct_conn_angle.ptnr2_auth_asym_id 
_pdbx_struct_conn_angle.ptnr2_auth_comp_id 
_pdbx_struct_conn_angle.ptnr2_auth_seq_id 
_pdbx_struct_conn_angle.ptnr2_PDB_ins_code 
_pdbx_struct_conn_angle.ptnr2_symmetry 
_pdbx_struct_conn_angle.ptnr3_label_atom_id 
_pdbx_struct_conn_angle.ptnr3_label_alt_id 
_pdbx_struct_conn_angle.ptnr3_label_asym_id 
_pdbx_struct_conn_angle.ptnr3_label_comp_id 
_pdbx_struct_conn_angle.ptnr3_label_seq_id 
_pdbx_struct_conn_angle.ptnr3_auth_atom_id 
_pdbx_struct_conn_angle.ptnr3_auth_asym_id 
_pdbx_struct_conn_angle.ptnr3_auth_comp_id 
_pdbx_struct_conn_angle.ptnr3_auth_seq_id 
_pdbx_struct_conn_angle.ptnr3_PDB_ins_code 
_pdbx_struct_conn_angle.ptnr3_symmetry 
_pdbx_struct_conn_angle.value 
_pdbx_struct_conn_angle.value_esd 
1  N7 ? A DG  1 ? A DG  1  ? 1_555 CO ? D NCO . ? A NCO 14 ? 1_555 N1 ? D NCO . ? A NCO 14 ? 1_555 178.5 ? 
2  N7 ? A DG  1 ? A DG  1  ? 1_555 CO ? D NCO . ? A NCO 14 ? 1_555 N2 ? D NCO . ? A NCO 14 ? 1_555 93.8  ? 
3  N1 ? D NCO . ? A NCO 14 ? 1_555 CO ? D NCO . ? A NCO 14 ? 1_555 N2 ? D NCO . ? A NCO 14 ? 1_555 87.3  ? 
4  O  ? E HOH . ? A HOH 43 ? 1_555 MG ? C MG  . ? A MG  13 ? 1_555 O  ? E HOH . ? A HOH 44 ? 1_555 89.4  ? 
5  O  ? E HOH . ? A HOH 43 ? 1_555 MG ? C MG  . ? A MG  13 ? 1_555 O  ? E HOH . ? A HOH 46 ? 1_555 90.3  ? 
6  O  ? E HOH . ? A HOH 44 ? 1_555 MG ? C MG  . ? A MG  13 ? 1_555 O  ? E HOH . ? A HOH 46 ? 1_555 89.1  ? 
7  O  ? E HOH . ? A HOH 43 ? 1_555 MG ? C MG  . ? A MG  13 ? 1_555 O  ? F HOH . ? B HOH 42 ? 1_555 179.4 ? 
8  O  ? E HOH . ? A HOH 44 ? 1_555 MG ? C MG  . ? A MG  13 ? 1_555 O  ? F HOH . ? B HOH 42 ? 1_555 90.1  ? 
9  O  ? E HOH . ? A HOH 46 ? 1_555 MG ? C MG  . ? A MG  13 ? 1_555 O  ? F HOH . ? B HOH 42 ? 1_555 90.1  ? 
10 O  ? E HOH . ? A HOH 43 ? 1_555 MG ? C MG  . ? A MG  13 ? 1_555 O  ? F HOH . ? B HOH 45 ? 1_555 90.5  ? 
11 O  ? E HOH . ? A HOH 44 ? 1_555 MG ? C MG  . ? A MG  13 ? 1_555 O  ? F HOH . ? B HOH 45 ? 1_555 179.6 ? 
12 O  ? E HOH . ? A HOH 46 ? 1_555 MG ? C MG  . ? A MG  13 ? 1_555 O  ? F HOH . ? B HOH 45 ? 1_555 90.5  ? 
13 O  ? F HOH . ? B HOH 42 ? 1_555 MG ? C MG  . ? A MG  13 ? 1_555 O  ? F HOH . ? B HOH 45 ? 1_555 89.9  ? 
14 O  ? E HOH . ? A HOH 43 ? 1_555 MG ? C MG  . ? A MG  13 ? 1_555 O  ? F HOH . ? B HOH 47 ? 1_555 89.7  ? 
15 O  ? E HOH . ? A HOH 44 ? 1_555 MG ? C MG  . ? A MG  13 ? 1_555 O  ? F HOH . ? B HOH 47 ? 1_555 91.2  ? 
16 O  ? E HOH . ? A HOH 46 ? 1_555 MG ? C MG  . ? A MG  13 ? 1_555 O  ? F HOH . ? B HOH 47 ? 1_555 179.6 ? 
17 O  ? F HOH . ? B HOH 42 ? 1_555 MG ? C MG  . ? A MG  13 ? 1_555 O  ? F HOH . ? B HOH 47 ? 1_555 89.9  ? 
18 O  ? F HOH . ? B HOH 45 ? 1_555 MG ? C MG  . ? A MG  13 ? 1_555 O  ? F HOH . ? B HOH 47 ? 1_555 89.2  ? 
# 
loop_
_struct_site.id 
_struct_site.pdbx_evidence_code 
_struct_site.pdbx_auth_asym_id 
_struct_site.pdbx_auth_comp_id 
_struct_site.pdbx_auth_seq_id 
_struct_site.pdbx_auth_ins_code 
_struct_site.pdbx_num_residues 
_struct_site.details 
AC1 Software A MG  13 ? 6 'BINDING SITE FOR RESIDUE MG A 13'  
AC2 Software A NCO 14 ? 8 'BINDING SITE FOR RESIDUE NCO A 14' 
# 
loop_
_struct_site_gen.id 
_struct_site_gen.site_id 
_struct_site_gen.pdbx_num_res 
_struct_site_gen.label_comp_id 
_struct_site_gen.label_asym_id 
_struct_site_gen.label_seq_id 
_struct_site_gen.pdbx_auth_ins_code 
_struct_site_gen.auth_comp_id 
_struct_site_gen.auth_asym_id 
_struct_site_gen.auth_seq_id 
_struct_site_gen.label_atom_id 
_struct_site_gen.label_alt_id 
_struct_site_gen.symmetry 
_struct_site_gen.details 
1  AC1 6 HOH E . ? HOH A 43 . ? 1_555 ? 
2  AC1 6 HOH E . ? HOH A 44 . ? 1_555 ? 
3  AC1 6 HOH E . ? HOH A 46 . ? 1_555 ? 
4  AC1 6 HOH F . ? HOH B 42 . ? 1_555 ? 
5  AC1 6 HOH F . ? HOH B 45 . ? 1_555 ? 
6  AC1 6 HOH F . ? HOH B 47 . ? 1_555 ? 
7  AC2 8 DG  A 1 ? DG  A 1  . ? 1_555 ? 
8  AC2 8 DG  A 1 ? DG  A 1  . ? 7_554 ? 
9  AC2 8 DG  A 2 ? DG  A 2  . ? 1_555 ? 
10 AC2 8 HOH E . ? HOH A 18 . ? 7_554 ? 
11 AC2 8 DC  B 5 ? DC  B 11 . ? 1_555 ? 
12 AC2 8 DC  B 6 ? DC  B 12 . ? 4_554 ? 
13 AC2 8 HOH F . ? HOH B 15 . ? 4_554 ? 
14 AC2 8 HOH F . ? HOH B 17 . ? 4_554 ? 
# 
loop_
_pdbx_struct_special_symmetry.id 
_pdbx_struct_special_symmetry.PDB_model_num 
_pdbx_struct_special_symmetry.auth_asym_id 
_pdbx_struct_special_symmetry.auth_comp_id 
_pdbx_struct_special_symmetry.auth_seq_id 
_pdbx_struct_special_symmetry.PDB_ins_code 
_pdbx_struct_special_symmetry.label_asym_id 
_pdbx_struct_special_symmetry.label_comp_id 
_pdbx_struct_special_symmetry.label_seq_id 
1 1 A NCO 14 ? D NCO . 
2 1 B HOH 27 ? F HOH . 
3 1 B HOH 38 ? F HOH . 
# 
loop_
_chem_comp_atom.comp_id 
_chem_comp_atom.atom_id 
_chem_comp_atom.type_symbol 
_chem_comp_atom.pdbx_aromatic_flag 
_chem_comp_atom.pdbx_stereo_config 
_chem_comp_atom.pdbx_ordinal 
DC  OP3    O  N N 1   
DC  P      P  N N 2   
DC  OP1    O  N N 3   
DC  OP2    O  N N 4   
DC  "O5'"  O  N N 5   
DC  "C5'"  C  N N 6   
DC  "C4'"  C  N R 7   
DC  "O4'"  O  N N 8   
DC  "C3'"  C  N S 9   
DC  "O3'"  O  N N 10  
DC  "C2'"  C  N N 11  
DC  "C1'"  C  N R 12  
DC  N1     N  N N 13  
DC  C2     C  N N 14  
DC  O2     O  N N 15  
DC  N3     N  N N 16  
DC  C4     C  N N 17  
DC  N4     N  N N 18  
DC  C5     C  N N 19  
DC  C6     C  N N 20  
DC  HOP3   H  N N 21  
DC  HOP2   H  N N 22  
DC  "H5'"  H  N N 23  
DC  "H5''" H  N N 24  
DC  "H4'"  H  N N 25  
DC  "H3'"  H  N N 26  
DC  "HO3'" H  N N 27  
DC  "H2'"  H  N N 28  
DC  "H2''" H  N N 29  
DC  "H1'"  H  N N 30  
DC  H41    H  N N 31  
DC  H42    H  N N 32  
DC  H5     H  N N 33  
DC  H6     H  N N 34  
DG  OP3    O  N N 35  
DG  P      P  N N 36  
DG  OP1    O  N N 37  
DG  OP2    O  N N 38  
DG  "O5'"  O  N N 39  
DG  "C5'"  C  N N 40  
DG  "C4'"  C  N R 41  
DG  "O4'"  O  N N 42  
DG  "C3'"  C  N S 43  
DG  "O3'"  O  N N 44  
DG  "C2'"  C  N N 45  
DG  "C1'"  C  N R 46  
DG  N9     N  Y N 47  
DG  C8     C  Y N 48  
DG  N7     N  Y N 49  
DG  C5     C  Y N 50  
DG  C6     C  N N 51  
DG  O6     O  N N 52  
DG  N1     N  N N 53  
DG  C2     C  N N 54  
DG  N2     N  N N 55  
DG  N3     N  N N 56  
DG  C4     C  Y N 57  
DG  HOP3   H  N N 58  
DG  HOP2   H  N N 59  
DG  "H5'"  H  N N 60  
DG  "H5''" H  N N 61  
DG  "H4'"  H  N N 62  
DG  "H3'"  H  N N 63  
DG  "HO3'" H  N N 64  
DG  "H2'"  H  N N 65  
DG  "H2''" H  N N 66  
DG  "H1'"  H  N N 67  
DG  H8     H  N N 68  
DG  H1     H  N N 69  
DG  H21    H  N N 70  
DG  H22    H  N N 71  
HOH O      O  N N 72  
HOH H1     H  N N 73  
HOH H2     H  N N 74  
MG  MG     MG N N 75  
NCO CO     CO N N 76  
NCO N1     N  N N 77  
NCO N2     N  N N 78  
NCO N3     N  N N 79  
NCO N4     N  N N 80  
NCO N5     N  N N 81  
NCO N6     N  N N 82  
NCO HN11   H  N N 83  
NCO HN12   H  N N 84  
NCO HN13   H  N N 85  
NCO HN21   H  N N 86  
NCO HN22   H  N N 87  
NCO HN23   H  N N 88  
NCO HN31   H  N N 89  
NCO HN32   H  N N 90  
NCO HN33   H  N N 91  
NCO HN41   H  N N 92  
NCO HN42   H  N N 93  
NCO HN43   H  N N 94  
NCO HN51   H  N N 95  
NCO HN52   H  N N 96  
NCO HN53   H  N N 97  
NCO HN61   H  N N 98  
NCO HN62   H  N N 99  
NCO HN63   H  N N 100 
# 
loop_
_chem_comp_bond.comp_id 
_chem_comp_bond.atom_id_1 
_chem_comp_bond.atom_id_2 
_chem_comp_bond.value_order 
_chem_comp_bond.pdbx_aromatic_flag 
_chem_comp_bond.pdbx_stereo_config 
_chem_comp_bond.pdbx_ordinal 
DC  OP3   P      sing N N 1   
DC  OP3   HOP3   sing N N 2   
DC  P     OP1    doub N N 3   
DC  P     OP2    sing N N 4   
DC  P     "O5'"  sing N N 5   
DC  OP2   HOP2   sing N N 6   
DC  "O5'" "C5'"  sing N N 7   
DC  "C5'" "C4'"  sing N N 8   
DC  "C5'" "H5'"  sing N N 9   
DC  "C5'" "H5''" sing N N 10  
DC  "C4'" "O4'"  sing N N 11  
DC  "C4'" "C3'"  sing N N 12  
DC  "C4'" "H4'"  sing N N 13  
DC  "O4'" "C1'"  sing N N 14  
DC  "C3'" "O3'"  sing N N 15  
DC  "C3'" "C2'"  sing N N 16  
DC  "C3'" "H3'"  sing N N 17  
DC  "O3'" "HO3'" sing N N 18  
DC  "C2'" "C1'"  sing N N 19  
DC  "C2'" "H2'"  sing N N 20  
DC  "C2'" "H2''" sing N N 21  
DC  "C1'" N1     sing N N 22  
DC  "C1'" "H1'"  sing N N 23  
DC  N1    C2     sing N N 24  
DC  N1    C6     sing N N 25  
DC  C2    O2     doub N N 26  
DC  C2    N3     sing N N 27  
DC  N3    C4     doub N N 28  
DC  C4    N4     sing N N 29  
DC  C4    C5     sing N N 30  
DC  N4    H41    sing N N 31  
DC  N4    H42    sing N N 32  
DC  C5    C6     doub N N 33  
DC  C5    H5     sing N N 34  
DC  C6    H6     sing N N 35  
DG  OP3   P      sing N N 36  
DG  OP3   HOP3   sing N N 37  
DG  P     OP1    doub N N 38  
DG  P     OP2    sing N N 39  
DG  P     "O5'"  sing N N 40  
DG  OP2   HOP2   sing N N 41  
DG  "O5'" "C5'"  sing N N 42  
DG  "C5'" "C4'"  sing N N 43  
DG  "C5'" "H5'"  sing N N 44  
DG  "C5'" "H5''" sing N N 45  
DG  "C4'" "O4'"  sing N N 46  
DG  "C4'" "C3'"  sing N N 47  
DG  "C4'" "H4'"  sing N N 48  
DG  "O4'" "C1'"  sing N N 49  
DG  "C3'" "O3'"  sing N N 50  
DG  "C3'" "C2'"  sing N N 51  
DG  "C3'" "H3'"  sing N N 52  
DG  "O3'" "HO3'" sing N N 53  
DG  "C2'" "C1'"  sing N N 54  
DG  "C2'" "H2'"  sing N N 55  
DG  "C2'" "H2''" sing N N 56  
DG  "C1'" N9     sing N N 57  
DG  "C1'" "H1'"  sing N N 58  
DG  N9    C8     sing Y N 59  
DG  N9    C4     sing Y N 60  
DG  C8    N7     doub Y N 61  
DG  C8    H8     sing N N 62  
DG  N7    C5     sing Y N 63  
DG  C5    C6     sing N N 64  
DG  C5    C4     doub Y N 65  
DG  C6    O6     doub N N 66  
DG  C6    N1     sing N N 67  
DG  N1    C2     sing N N 68  
DG  N1    H1     sing N N 69  
DG  C2    N2     sing N N 70  
DG  C2    N3     doub N N 71  
DG  N2    H21    sing N N 72  
DG  N2    H22    sing N N 73  
DG  N3    C4     sing N N 74  
HOH O     H1     sing N N 75  
HOH O     H2     sing N N 76  
NCO CO    N1     sing N N 77  
NCO CO    N2     sing N N 78  
NCO CO    N3     sing N N 79  
NCO CO    N4     sing N N 80  
NCO CO    N5     sing N N 81  
NCO CO    N6     sing N N 82  
NCO N1    HN11   sing N N 83  
NCO N1    HN12   sing N N 84  
NCO N1    HN13   sing N N 85  
NCO N2    HN21   sing N N 86  
NCO N2    HN22   sing N N 87  
NCO N2    HN23   sing N N 88  
NCO N3    HN31   sing N N 89  
NCO N3    HN32   sing N N 90  
NCO N3    HN33   sing N N 91  
NCO N4    HN41   sing N N 92  
NCO N4    HN42   sing N N 93  
NCO N4    HN43   sing N N 94  
NCO N5    HN51   sing N N 95  
NCO N5    HN52   sing N N 96  
NCO N5    HN53   sing N N 97  
NCO N6    HN61   sing N N 98  
NCO N6    HN62   sing N N 99  
NCO N6    HN63   sing N N 100 
# 
_ndb_struct_conf_na.entry_id   1IH1 
_ndb_struct_conf_na.feature    'b-form double helix' 
# 
loop_
_ndb_struct_na_base_pair.model_number 
_ndb_struct_na_base_pair.i_label_asym_id 
_ndb_struct_na_base_pair.i_label_comp_id 
_ndb_struct_na_base_pair.i_label_seq_id 
_ndb_struct_na_base_pair.i_symmetry 
_ndb_struct_na_base_pair.j_label_asym_id 
_ndb_struct_na_base_pair.j_label_comp_id 
_ndb_struct_na_base_pair.j_label_seq_id 
_ndb_struct_na_base_pair.j_symmetry 
_ndb_struct_na_base_pair.shear 
_ndb_struct_na_base_pair.stretch 
_ndb_struct_na_base_pair.stagger 
_ndb_struct_na_base_pair.buckle 
_ndb_struct_na_base_pair.propeller 
_ndb_struct_na_base_pair.opening 
_ndb_struct_na_base_pair.pair_number 
_ndb_struct_na_base_pair.pair_name 
_ndb_struct_na_base_pair.i_auth_asym_id 
_ndb_struct_na_base_pair.i_auth_seq_id 
_ndb_struct_na_base_pair.i_PDB_ins_code 
_ndb_struct_na_base_pair.j_auth_asym_id 
_ndb_struct_na_base_pair.j_auth_seq_id 
_ndb_struct_na_base_pair.j_PDB_ins_code 
_ndb_struct_na_base_pair.hbond_type_28 
_ndb_struct_na_base_pair.hbond_type_12 
1 A DG 1 1_555 B DC 6 1_555 -0.401 -0.164 0.162 -2.684 -7.827  -0.111 1 A_DG1:DC12_B A 1 ? B 12 ? 19 1 
1 A DG 2 1_555 B DC 5 1_555 -0.217 -0.118 0.209 1.740  -5.249  0.406  2 A_DG2:DC11_B A 2 ? B 11 ? 19 1 
1 A DC 3 1_555 B DG 4 1_555 0.217  -0.091 0.261 -0.139 -15.162 0.112  3 A_DC3:DG10_B A 3 ? B 10 ? 19 1 
1 A DG 4 1_555 B DC 3 1_555 -0.119 -0.182 0.132 6.007  4.019   -1.618 4 A_DG4:DC9_B  A 4 ? B 9  ? 19 1 
1 A DC 5 1_555 B DG 2 1_555 0.411  -0.065 0.168 4.019  -6.270  -0.610 5 A_DC5:DG8_B  A 5 ? B 8  ? 19 1 
1 A DC 6 1_555 B DG 1 1_555 0.054  -0.060 0.247 -2.339 -9.235  -1.287 6 A_DC6:DG7_B  A 6 ? B 7  ? 19 1 
# 
loop_
_ndb_struct_na_base_pair_step.model_number 
_ndb_struct_na_base_pair_step.i_label_asym_id_1 
_ndb_struct_na_base_pair_step.i_label_comp_id_1 
_ndb_struct_na_base_pair_step.i_label_seq_id_1 
_ndb_struct_na_base_pair_step.i_symmetry_1 
_ndb_struct_na_base_pair_step.j_label_asym_id_1 
_ndb_struct_na_base_pair_step.j_label_comp_id_1 
_ndb_struct_na_base_pair_step.j_label_seq_id_1 
_ndb_struct_na_base_pair_step.j_symmetry_1 
_ndb_struct_na_base_pair_step.i_label_asym_id_2 
_ndb_struct_na_base_pair_step.i_label_comp_id_2 
_ndb_struct_na_base_pair_step.i_label_seq_id_2 
_ndb_struct_na_base_pair_step.i_symmetry_2 
_ndb_struct_na_base_pair_step.j_label_asym_id_2 
_ndb_struct_na_base_pair_step.j_label_comp_id_2 
_ndb_struct_na_base_pair_step.j_label_seq_id_2 
_ndb_struct_na_base_pair_step.j_symmetry_2 
_ndb_struct_na_base_pair_step.shift 
_ndb_struct_na_base_pair_step.slide 
_ndb_struct_na_base_pair_step.rise 
_ndb_struct_na_base_pair_step.tilt 
_ndb_struct_na_base_pair_step.roll 
_ndb_struct_na_base_pair_step.twist 
_ndb_struct_na_base_pair_step.x_displacement 
_ndb_struct_na_base_pair_step.y_displacement 
_ndb_struct_na_base_pair_step.helical_rise 
_ndb_struct_na_base_pair_step.inclination 
_ndb_struct_na_base_pair_step.tip 
_ndb_struct_na_base_pair_step.helical_twist 
_ndb_struct_na_base_pair_step.step_number 
_ndb_struct_na_base_pair_step.step_name 
_ndb_struct_na_base_pair_step.i_auth_asym_id_1 
_ndb_struct_na_base_pair_step.i_auth_seq_id_1 
_ndb_struct_na_base_pair_step.i_PDB_ins_code_1 
_ndb_struct_na_base_pair_step.j_auth_asym_id_1 
_ndb_struct_na_base_pair_step.j_auth_seq_id_1 
_ndb_struct_na_base_pair_step.j_PDB_ins_code_1 
_ndb_struct_na_base_pair_step.i_auth_asym_id_2 
_ndb_struct_na_base_pair_step.i_auth_seq_id_2 
_ndb_struct_na_base_pair_step.i_PDB_ins_code_2 
_ndb_struct_na_base_pair_step.j_auth_asym_id_2 
_ndb_struct_na_base_pair_step.j_auth_seq_id_2 
_ndb_struct_na_base_pair_step.j_PDB_ins_code_2 
1 A DG 1 1_555 B DC 6 1_555 A DG 2 1_555 B DC 5 1_555 0.479  0.028  3.318 -2.995 4.189  31.850 -0.702 -1.399 3.238 7.572  5.413  
32.253 1 AA_DG1DG2:DC11DC12_BB A 1 ? B 12 ? A 2 ? B 11 ? 
1 A DG 2 1_555 B DC 5 1_555 A DC 3 1_555 B DG 4 1_555 -0.929 0.010  3.443 -0.616 -4.924 38.556 0.647  1.317  3.430 -7.419 0.928  
38.861 2 AA_DG2DC3:DG10DC11_BB A 2 ? B 11 ? A 3 ? B 10 ? 
1 A DC 3 1_555 B DG 4 1_555 A DG 4 1_555 B DC 3 1_555 0.806  0.941  3.393 2.268  -2.326 37.112 1.793  -0.951 3.371 -3.646 -3.555 
37.249 3 AA_DC3DG4:DC9DG10_BB  A 3 ? B 10 ? A 4 ? B 9  ? 
1 A DG 4 1_555 B DC 3 1_555 A DC 5 1_555 B DG 2 1_555 -0.494 0.187  3.476 0.144  1.968  36.564 0.010  0.807  3.479 3.134  -0.229 
36.615 4 AA_DG4DC5:DG8DC9_BB   A 4 ? B 9  ? A 5 ? B 8  ? 
1 A DC 5 1_555 B DG 2 1_555 A DC 6 1_555 B DG 1 1_555 0.527  -0.443 3.402 2.080  4.845  33.679 -1.554 -0.556 3.334 8.299  -3.563 
34.078 5 AA_DC5DC6:DG7DG8_BB   A 5 ? B 8  ? A 6 ? B 7  ? 
# 
_atom_sites.entry_id                    1IH1 
_atom_sites.fract_transf_matrix[1][1]   -0.00998485 
_atom_sites.fract_transf_matrix[1][2]   0.00143375 
_atom_sites.fract_transf_matrix[1][3]   0.02119945 
_atom_sites.fract_transf_matrix[2][1]   -0.01661817 
_atom_sites.fract_transf_matrix[2][2]   -0.01512308 
_atom_sites.fract_transf_matrix[2][3]   -0.00680430 
_atom_sites.fract_transf_matrix[3][1]   0.00888090 
_atom_sites.fract_transf_matrix[3][2]   -0.01200621 
_atom_sites.fract_transf_matrix[3][3]   0.00499486 
_atom_sites.fract_transf_vector[1]      0.247980 
_atom_sites.fract_transf_vector[2]      0.094451 
_atom_sites.fract_transf_vector[3]      -0.012476 
# 
loop_
_atom_type.symbol 
C  
CO 
MG 
N  
O  
P  
# 
loop_
_atom_site.group_PDB 
_atom_site.id 
_atom_site.type_symbol 
_atom_site.label_atom_id 
_atom_site.label_alt_id 
_atom_site.label_comp_id 
_atom_site.label_asym_id 
_atom_site.label_entity_id 
_atom_site.label_seq_id 
_atom_site.pdbx_PDB_ins_code 
_atom_site.Cartn_x 
_atom_site.Cartn_y 
_atom_site.Cartn_z 
_atom_site.occupancy 
_atom_site.B_iso_or_equiv 
_atom_site.pdbx_formal_charge 
_atom_site.auth_seq_id 
_atom_site.auth_comp_id 
_atom_site.auth_asym_id 
_atom_site.auth_atom_id 
_atom_site.pdbx_PDB_model_num 
ATOM   1   O  "O5'" . DG  A 1 1 ? -4.841  4.067   -12.137 1.00 29.56 ? 1  DG  A "O5'" 1 
ATOM   2   C  "C5'" . DG  A 1 1 ? -4.950  2.825   -12.820 1.00 37.89 ? 1  DG  A "C5'" 1 
ATOM   3   C  "C4'" . DG  A 1 1 ? -5.245  1.706   -11.844 1.00 35.19 ? 1  DG  A "C4'" 1 
ATOM   4   O  "O4'" . DG  A 1 1 ? -4.036  1.288   -11.151 1.00 26.53 ? 1  DG  A "O4'" 1 
ATOM   5   C  "C3'" . DG  A 1 1 ? -6.280  1.988   -10.742 1.00 31.81 ? 1  DG  A "C3'" 1 
ATOM   6   O  "O3'" . DG  A 1 1 ? -7.040  0.756   -10.573 1.00 32.11 ? 1  DG  A "O3'" 1 
ATOM   7   C  "C2'" . DG  A 1 1 ? -5.420  2.327   -9.533  1.00 26.01 ? 1  DG  A "C2'" 1 
ATOM   8   C  "C1'" . DG  A 1 1 ? -4.166  1.455   -9.760  1.00 25.95 ? 1  DG  A "C1'" 1 
ATOM   9   N  N9    . DG  A 1 1 ? -2.903  2.027   -9.301  1.00 30.63 ? 1  DG  A N9    1 
ATOM   10  C  C8    . DG  A 1 1 ? -2.590  3.339   -9.087  1.00 27.04 ? 1  DG  A C8    1 
ATOM   11  N  N7    . DG  A 1 1 ? -1.364  3.512   -8.690  1.00 26.00 ? 1  DG  A N7    1 
ATOM   12  C  C5    . DG  A 1 1 ? -0.839  2.226   -8.625  1.00 26.58 ? 1  DG  A C5    1 
ATOM   13  C  C6    . DG  A 1 1 ? 0.455   1.760   -8.205  1.00 27.43 ? 1  DG  A C6    1 
ATOM   14  O  O6    . DG  A 1 1 ? 1.430   2.429   -7.850  1.00 22.59 ? 1  DG  A O6    1 
ATOM   15  N  N1    . DG  A 1 1 ? 0.527   0.360   -8.225  1.00 18.64 ? 1  DG  A N1    1 
ATOM   16  C  C2    . DG  A 1 1 ? -0.493  -0.460  -8.595  1.00 24.75 ? 1  DG  A C2    1 
ATOM   17  N  N2    . DG  A 1 1 ? -0.266  -1.785  -8.547  1.00 24.95 ? 1  DG  A N2    1 
ATOM   18  N  N3    . DG  A 1 1 ? -1.685  -0.029  -8.999  1.00 25.87 ? 1  DG  A N3    1 
ATOM   19  C  C4    . DG  A 1 1 ? -1.775  1.305   -8.991  1.00 26.95 ? 1  DG  A C4    1 
ATOM   20  P  P     . DG  A 1 2 ? -7.998  0.537   -9.311  1.00 32.50 ? 2  DG  A P     1 
ATOM   21  O  OP1   . DG  A 1 2 ? -9.077  -0.305  -9.875  1.00 36.27 ? 2  DG  A OP1   1 
ATOM   22  O  OP2   . DG  A 1 2 ? -8.359  1.796   -8.612  1.00 32.21 ? 2  DG  A OP2   1 
ATOM   23  O  "O5'" . DG  A 1 2 ? -7.190  -0.378  -8.301  1.00 35.54 ? 2  DG  A "O5'" 1 
ATOM   24  C  "C5'" . DG  A 1 2 ? -6.594  -1.599  -8.730  1.00 35.26 ? 2  DG  A "C5'" 1 
ATOM   25  C  "C4'" . DG  A 1 2 ? -5.834  -2.215  -7.579  1.00 31.48 ? 2  DG  A "C4'" 1 
ATOM   26  O  "O4'" . DG  A 1 2 ? -4.607  -1.487  -7.338  1.00 31.72 ? 2  DG  A "O4'" 1 
ATOM   27  C  "C3'" . DG  A 1 2 ? -6.570  -2.216  -6.241  1.00 35.76 ? 2  DG  A "C3'" 1 
ATOM   28  O  "O3'" . DG  A 1 2 ? -6.105  -3.380  -5.566  1.00 58.17 ? 2  DG  A "O3'" 1 
ATOM   29  C  "C2'" . DG  A 1 2 ? -5.979  -1.031  -5.500  1.00 39.15 ? 2  DG  A "C2'" 1 
ATOM   30  C  "C1'" . DG  A 1 2 ? -4.537  -1.110  -5.978  1.00 26.14 ? 2  DG  A "C1'" 1 
ATOM   31  N  N9    . DG  A 1 2 ? -3.725  0.097   -5.873  1.00 29.66 ? 2  DG  A N9    1 
ATOM   32  C  C8    . DG  A 1 2 ? -4.094  1.421   -6.056  1.00 29.74 ? 2  DG  A C8    1 
ATOM   33  N  N7    . DG  A 1 2 ? -3.119  2.259   -5.812  1.00 29.47 ? 2  DG  A N7    1 
ATOM   34  C  C5    . DG  A 1 2 ? -2.043  1.447   -5.454  1.00 28.41 ? 2  DG  A C5    1 
ATOM   35  C  C6    . DG  A 1 2 ? -0.706  1.760   -5.081  1.00 25.58 ? 2  DG  A C6    1 
ATOM   36  O  O6    . DG  A 1 2 ? -0.170  2.853   -4.983  1.00 28.51 ? 2  DG  A O6    1 
ATOM   37  N  N1    . DG  A 1 2 ? 0.057   0.603   -4.822  1.00 25.85 ? 2  DG  A N1    1 
ATOM   38  C  C2    . DG  A 1 2 ? -0.401  -0.664  -4.933  1.00 28.24 ? 2  DG  A C2    1 
ATOM   39  N  N2    . DG  A 1 2 ? 0.503   -1.651  -4.697  1.00 27.52 ? 2  DG  A N2    1 
ATOM   40  N  N3    . DG  A 1 2 ? -1.648  -0.971  -5.269  1.00 29.36 ? 2  DG  A N3    1 
ATOM   41  C  C4    . DG  A 1 2 ? -2.402  0.114   -5.512  1.00 33.02 ? 2  DG  A C4    1 
ATOM   42  P  P     . DC  A 1 3 ? -7.090  -4.235  -4.632  1.00 48.73 ? 3  DC  A P     1 
ATOM   43  O  OP1   . DC  A 1 3 ? -7.955  -4.998  -5.552  1.00 50.97 ? 3  DC  A OP1   1 
ATOM   44  O  OP2   . DC  A 1 3 ? -7.689  -3.420  -3.546  1.00 46.28 ? 3  DC  A OP2   1 
ATOM   45  O  "O5'" . DC  A 1 3 ? -6.057  -5.204  -3.906  1.00 45.43 ? 3  DC  A "O5'" 1 
ATOM   46  C  "C5'" . DC  A 1 3 ? -5.072  -5.881  -4.663  1.00 42.31 ? 3  DC  A "C5'" 1 
ATOM   47  C  "C4'" . DC  A 1 3 ? -3.809  -5.999  -3.853  1.00 46.55 ? 3  DC  A "C4'" 1 
ATOM   48  O  "O4'" . DC  A 1 3 ? -3.165  -4.710  -3.767  1.00 41.02 ? 3  DC  A "O4'" 1 
ATOM   49  C  "C3'" . DC  A 1 3 ? -4.010  -6.483  -2.417  1.00 47.69 ? 3  DC  A "C3'" 1 
ATOM   50  O  "O3'" . DC  A 1 3 ? -3.085  -7.547  -2.225  1.00 55.47 ? 3  DC  A "O3'" 1 
ATOM   51  C  "C2'" . DC  A 1 3 ? -3.579  -5.310  -1.544  1.00 43.57 ? 3  DC  A "C2'" 1 
ATOM   52  C  "C1'" . DC  A 1 3 ? -2.698  -4.463  -2.460  1.00 44.02 ? 3  DC  A "C1'" 1 
ATOM   53  N  N1    . DC  A 1 3 ? -2.775  -3.005  -2.244  1.00 40.29 ? 3  DC  A N1    1 
ATOM   54  C  C2    . DC  A 1 3 ? -1.614  -2.307  -1.912  1.00 35.61 ? 3  DC  A C2    1 
ATOM   55  O  O2    . DC  A 1 3 ? -0.559  -2.932  -1.756  1.00 38.98 ? 3  DC  A O2    1 
ATOM   56  N  N3    . DC  A 1 3 ? -1.656  -0.956  -1.769  1.00 34.58 ? 3  DC  A N3    1 
ATOM   57  C  C4    . DC  A 1 3 ? -2.805  -0.301  -1.943  1.00 28.53 ? 3  DC  A C4    1 
ATOM   58  N  N4    . DC  A 1 3 ? -2.771  1.052   -1.841  1.00 29.06 ? 3  DC  A N4    1 
ATOM   59  C  C5    . DC  A 1 3 ? -4.025  -0.993  -2.243  1.00 36.79 ? 3  DC  A C5    1 
ATOM   60  C  C6    . DC  A 1 3 ? -3.968  -2.334  -2.386  1.00 32.58 ? 3  DC  A C6    1 
ATOM   61  P  P     . DG  A 1 4 ? -3.312  -8.611  -1.038  1.00 54.79 ? 4  DG  A P     1 
ATOM   62  O  OP1   . DG  A 1 4 ? -2.714  -9.823  -1.639  1.00 56.73 ? 4  DG  A OP1   1 
ATOM   63  O  OP2   . DG  A 1 4 ? -4.721  -8.614  -0.583  1.00 54.59 ? 4  DG  A OP2   1 
ATOM   64  O  "O5'" . DG  A 1 4 ? -2.365  -8.055  0.103   1.00 44.71 ? 4  DG  A "O5'" 1 
ATOM   65  C  "C5'" . DG  A 1 4 ? -0.975  -7.927  -0.136  1.00 44.45 ? 4  DG  A "C5'" 1 
ATOM   66  C  "C4'" . DG  A 1 4 ? -0.323  -7.261  1.049   1.00 51.69 ? 4  DG  A "C4'" 1 
ATOM   67  O  "O4'" . DG  A 1 4 ? -0.602  -5.834  1.014   1.00 49.76 ? 4  DG  A "O4'" 1 
ATOM   68  C  "C3'" . DG  A 1 4 ? -0.862  -7.747  2.400   1.00 51.29 ? 4  DG  A "C3'" 1 
ATOM   69  O  "O3'" . DG  A 1 4 ? 0.181   -7.548  3.352   1.00 65.49 ? 4  DG  A "O3'" 1 
ATOM   70  C  "C2'" . DG  A 1 4 ? -1.940  -6.725  2.709   1.00 49.86 ? 4  DG  A "C2'" 1 
ATOM   71  C  "C1'" . DG  A 1 4 ? -1.216  -5.455  2.243   1.00 51.43 ? 4  DG  A "C1'" 1 
ATOM   72  N  N9    . DG  A 1 4 ? -2.080  -4.307  1.972   1.00 45.78 ? 4  DG  A N9    1 
ATOM   73  C  C8    . DG  A 1 4 ? -3.419  -4.333  1.670   1.00 40.64 ? 4  DG  A C8    1 
ATOM   74  N  N7    . DG  A 1 4 ? -3.915  -3.149  1.459   1.00 37.73 ? 4  DG  A N7    1 
ATOM   75  C  C5    . DG  A 1 4 ? -2.841  -2.296  1.635   1.00 39.38 ? 4  DG  A C5    1 
ATOM   76  C  C6    . DG  A 1 4 ? -2.787  -0.888  1.563   1.00 38.34 ? 4  DG  A C6    1 
ATOM   77  O  O6    . DG  A 1 4 ? -3.714  -0.114  1.278   1.00 45.25 ? 4  DG  A O6    1 
ATOM   78  N  N1    . DG  A 1 4 ? -1.516  -0.410  1.866   1.00 34.32 ? 4  DG  A N1    1 
ATOM   79  C  C2    . DG  A 1 4 ? -0.435  -1.208  2.192   1.00 31.42 ? 4  DG  A C2    1 
ATOM   80  N  N2    . DG  A 1 4 ? 0.710   -0.608  2.472   1.00 35.38 ? 4  DG  A N2    1 
ATOM   81  N  N3    . DG  A 1 4 ? -0.479  -2.518  2.243   1.00 36.92 ? 4  DG  A N3    1 
ATOM   82  C  C4    . DG  A 1 4 ? -1.706  -2.993  1.960   1.00 33.74 ? 4  DG  A C4    1 
ATOM   83  P  P     . DC  A 1 5 ? 0.420   -8.597  4.568   1.00 64.63 ? 5  DC  A P     1 
ATOM   84  O  OP1   . DC  A 1 5 ? 1.188   -9.684  3.903   1.00 65.74 ? 5  DC  A OP1   1 
ATOM   85  O  OP2   . DC  A 1 5 ? -0.862  -8.907  5.265   1.00 52.73 ? 5  DC  A OP2   1 
ATOM   86  O  "O5'" . DC  A 1 5 ? 1.428   -7.751  5.459   1.00 51.30 ? 5  DC  A "O5'" 1 
ATOM   87  C  "C5'" . DC  A 1 5 ? 2.529   -7.103  4.821   1.00 53.62 ? 5  DC  A "C5'" 1 
ATOM   88  C  "C4'" . DC  A 1 5 ? 2.887   -5.820  5.532   1.00 57.96 ? 5  DC  A "C4'" 1 
ATOM   89  O  "O4'" . DC  A 1 5 ? 2.028   -4.719  5.140   1.00 51.87 ? 5  DC  A "O4'" 1 
ATOM   90  C  "C3'" . DC  A 1 5 ? 2.803   -5.920  7.050   1.00 54.64 ? 5  DC  A "C3'" 1 
ATOM   91  O  "O3'" . DC  A 1 5 ? 4.018   -5.411  7.621   1.00 54.81 ? 5  DC  A "O3'" 1 
ATOM   92  C  "C2'" . DC  A 1 5 ? 1.597   -5.064  7.417   1.00 54.80 ? 5  DC  A "C2'" 1 
ATOM   93  C  "C1'" . DC  A 1 5 ? 1.498   -4.055  6.276   1.00 50.32 ? 5  DC  A "C1'" 1 
ATOM   94  N  N1    . DC  A 1 5 ? 0.112   -3.652  5.951   1.00 43.39 ? 5  DC  A N1    1 
ATOM   95  C  C2    . DC  A 1 5 ? -0.178  -2.287  5.801   1.00 42.40 ? 5  DC  A C2    1 
ATOM   96  O  O2    . DC  A 1 5 ? 0.739   -1.468  5.923   1.00 44.32 ? 5  DC  A O2    1 
ATOM   97  N  N3    . DC  A 1 5 ? -1.451  -1.901  5.512   1.00 42.87 ? 5  DC  A N3    1 
ATOM   98  C  C4    . DC  A 1 5 ? -2.399  -2.825  5.347   1.00 38.84 ? 5  DC  A C4    1 
ATOM   99  N  N4    . DC  A 1 5 ? -3.619  -2.412  5.036   1.00 42.41 ? 5  DC  A N4    1 
ATOM   100 C  C5    . DC  A 1 5 ? -2.128  -4.228  5.491   1.00 41.83 ? 5  DC  A C5    1 
ATOM   101 C  C6    . DC  A 1 5 ? -0.872  -4.588  5.796   1.00 36.44 ? 5  DC  A C6    1 
ATOM   102 P  P     . DC  A 1 6 ? 4.254   -5.577  9.204   1.00 56.74 ? 6  DC  A P     1 
ATOM   103 O  OP1   . DC  A 1 6 ? 5.713   -5.593  9.487   1.00 58.81 ? 6  DC  A OP1   1 
ATOM   104 O  OP2   . DC  A 1 6 ? 3.393   -6.725  9.563   1.00 47.33 ? 6  DC  A OP2   1 
ATOM   105 O  "O5'" . DC  A 1 6 ? 3.694   -4.219  9.814   1.00 47.93 ? 6  DC  A "O5'" 1 
ATOM   106 C  "C5'" . DC  A 1 6 ? 4.421   -3.011  9.624   1.00 54.31 ? 6  DC  A "C5'" 1 
ATOM   107 C  "C4'" . DC  A 1 6 ? 3.580   -1.838  10.061  1.00 56.73 ? 6  DC  A "C4'" 1 
ATOM   108 O  "O4'" . DC  A 1 6 ? 2.391   -1.805  9.239   1.00 52.45 ? 6  DC  A "O4'" 1 
ATOM   109 C  "C3'" . DC  A 1 6 ? 3.037   -1.972  11.486  1.00 52.41 ? 6  DC  A "C3'" 1 
ATOM   110 O  "O3'" . DC  A 1 6 ? 3.860   -1.283  12.428  1.00 61.90 ? 6  DC  A "O3'" 1 
ATOM   111 C  "C2'" . DC  A 1 6 ? 1.719   -1.213  11.428  1.00 47.38 ? 6  DC  A "C2'" 1 
ATOM   112 C  "C1'" . DC  A 1 6 ? 1.452   -1.001  9.937   1.00 46.55 ? 6  DC  A "C1'" 1 
ATOM   113 N  N1    . DC  A 1 6 ? 0.123   -1.444  9.539   1.00 43.75 ? 6  DC  A N1    1 
ATOM   114 C  C2    . DC  A 1 6 ? -0.825  -0.479  9.218   1.00 40.00 ? 6  DC  A C2    1 
ATOM   115 O  O2    . DC  A 1 6 ? -0.480  0.728   9.240   1.00 42.99 ? 6  DC  A O2    1 
ATOM   116 N  N3    . DC  A 1 6 ? -2.069  -0.874  8.887   1.00 36.51 ? 6  DC  A N3    1 
ATOM   117 C  C4    . DC  A 1 6 ? -2.370  -2.174  8.843   1.00 41.30 ? 6  DC  A C4    1 
ATOM   118 N  N4    . DC  A 1 6 ? -3.610  -2.534  8.487   1.00 37.19 ? 6  DC  A N4    1 
ATOM   119 C  C5    . DC  A 1 6 ? -1.406  -3.182  9.158   1.00 41.05 ? 6  DC  A C5    1 
ATOM   120 C  C6    . DC  A 1 6 ? -0.185  -2.771  9.496   1.00 37.03 ? 6  DC  A C6    1 
ATOM   121 O  "O5'" . DG  B 1 1 ? -10.392 6.385   9.207   1.00 64.99 ? 7  DG  B "O5'" 1 
ATOM   122 C  "C5'" . DG  B 1 1 ? -9.856  6.431   7.867   1.00 55.50 ? 7  DG  B "C5'" 1 
ATOM   123 C  "C4'" . DG  B 1 1 ? -8.402  6.828   7.951   1.00 59.44 ? 7  DG  B "C4'" 1 
ATOM   124 O  "O4'" . DG  B 1 1 ? -7.616  5.663   8.295   1.00 55.88 ? 7  DG  B "O4'" 1 
ATOM   125 C  "C3'" . DG  B 1 1 ? -7.787  7.388   6.667   1.00 57.18 ? 7  DG  B "C3'" 1 
ATOM   126 O  "O3'" . DG  B 1 1 ? -6.821  8.366   7.080   1.00 59.43 ? 7  DG  B "O3'" 1 
ATOM   127 C  "C2'" . DG  B 1 1 ? -7.188  6.155   6.001   1.00 54.72 ? 7  DG  B "C2'" 1 
ATOM   128 C  "C1'" . DG  B 1 1 ? -6.773  5.302   7.212   1.00 54.61 ? 7  DG  B "C1'" 1 
ATOM   129 N  N9    . DG  B 1 1 ? -6.796  3.843   7.097   1.00 42.63 ? 7  DG  B N9    1 
ATOM   130 C  C8    . DG  B 1 1 ? -7.767  3.013   6.579   1.00 43.79 ? 7  DG  B C8    1 
ATOM   131 N  N7    . DG  B 1 1 ? -7.441  1.743   6.648   1.00 45.89 ? 7  DG  B N7    1 
ATOM   132 C  C5    . DG  B 1 1 ? -6.185  1.748   7.256   1.00 40.91 ? 7  DG  B C5    1 
ATOM   133 C  C6    . DG  B 1 1 ? -5.288  0.685   7.528   1.00 40.44 ? 7  DG  B C6    1 
ATOM   134 O  O6    . DG  B 1 1 ? -5.462  -0.519  7.370   1.00 40.92 ? 7  DG  B O6    1 
ATOM   135 N  N1    . DG  B 1 1 ? -4.079  1.146   8.034   1.00 37.31 ? 7  DG  B N1    1 
ATOM   136 C  C2    . DG  B 1 1 ? -3.771  2.455   8.262   1.00 37.42 ? 7  DG  B C2    1 
ATOM   137 N  N2    . DG  B 1 1 ? -2.543  2.705   8.726   1.00 40.15 ? 7  DG  B N2    1 
ATOM   138 N  N3    . DG  B 1 1 ? -4.606  3.459   8.039   1.00 41.52 ? 7  DG  B N3    1 
ATOM   139 C  C4    . DG  B 1 1 ? -5.779  3.031   7.531   1.00 37.50 ? 7  DG  B C4    1 
ATOM   140 P  P     . DG  B 1 2 ? -5.951  9.167   5.991   1.00 67.41 ? 8  DG  B P     1 
ATOM   141 O  OP1   . DG  B 1 2 ? -5.667  10.516  6.554   1.00 61.08 ? 8  DG  B OP1   1 
ATOM   142 O  OP2   . DG  B 1 2 ? -6.588  9.022   4.652   1.00 59.39 ? 8  DG  B OP2   1 
ATOM   143 O  "O5'" . DG  B 1 2 ? -4.554  8.419   6.029   1.00 60.35 ? 8  DG  B "O5'" 1 
ATOM   144 C  "C5'" . DG  B 1 2 ? -3.737  8.555   7.180   1.00 53.41 ? 8  DG  B "C5'" 1 
ATOM   145 C  "C4'" . DG  B 1 2 ? -2.368  7.997   6.896   1.00 51.36 ? 8  DG  B "C4'" 1 
ATOM   146 O  "O4'" . DG  B 1 2 ? -2.424  6.555   6.809   1.00 51.53 ? 8  DG  B "O4'" 1 
ATOM   147 C  "C3'" . DG  B 1 2 ? -1.821  8.495   5.566   1.00 49.45 ? 8  DG  B "C3'" 1 
ATOM   148 O  "O3'" . DG  B 1 2 ? -0.453  8.780   5.813   1.00 51.33 ? 8  DG  B "O3'" 1 
ATOM   149 C  "C2'" . DG  B 1 2 ? -2.060  7.327   4.623   1.00 50.78 ? 8  DG  B "C2'" 1 
ATOM   150 C  "C1'" . DG  B 1 2 ? -1.914  6.122   5.556   1.00 50.12 ? 8  DG  B "C1'" 1 
ATOM   151 N  N9    . DG  B 1 2 ? -2.653  4.919   5.180   1.00 41.89 ? 8  DG  B N9    1 
ATOM   152 C  C8    . DG  B 1 2 ? -3.948  4.837   4.732   1.00 33.53 ? 8  DG  B C8    1 
ATOM   153 N  N7    . DG  B 1 2 ? -4.342  3.611   4.547   1.00 39.11 ? 8  DG  B N7    1 
ATOM   154 C  C5    . DG  B 1 2 ? -3.236  2.844   4.892   1.00 36.65 ? 8  DG  B C5    1 
ATOM   155 C  C6    . DG  B 1 2 ? -3.049  1.435   4.884   1.00 30.72 ? 8  DG  B C6    1 
ATOM   156 O  O6    . DG  B 1 2 ? -3.855  0.565   4.619   1.00 35.44 ? 8  DG  B O6    1 
ATOM   157 N  N1    . DG  B 1 2 ? -1.753  1.086   5.229   1.00 35.10 ? 8  DG  B N1    1 
ATOM   158 C  C2    . DG  B 1 2 ? -0.769  1.965   5.552   1.00 34.27 ? 8  DG  B C2    1 
ATOM   159 N  N2    . DG  B 1 2 ? 0.408   1.435   5.858   1.00 37.63 ? 8  DG  B N2    1 
ATOM   160 N  N3    . DG  B 1 2 ? -0.933  3.280   5.577   1.00 45.32 ? 8  DG  B N3    1 
ATOM   161 C  C4    . DG  B 1 2 ? -2.183  3.640   5.246   1.00 35.63 ? 8  DG  B C4    1 
ATOM   162 P  P     . DC  B 1 3 ? 0.475   9.368   4.657   1.00 56.63 ? 9  DC  B P     1 
ATOM   163 O  OP1   . DC  B 1 3 ? 1.508   10.168  5.331   1.00 57.20 ? 9  DC  B OP1   1 
ATOM   164 O  OP2   . DC  B 1 3 ? -0.365  9.959   3.574   1.00 47.61 ? 9  DC  B OP2   1 
ATOM   165 O  "O5'" . DC  B 1 3 ? 1.197   8.073   4.063   1.00 48.78 ? 9  DC  B "O5'" 1 
ATOM   166 C  "C5'" . DC  B 1 3 ? 2.192   7.379   4.803   1.00 54.04 ? 9  DC  B "C5'" 1 
ATOM   167 C  "C4'" . DC  B 1 3 ? 2.670   6.183   4.013   1.00 44.94 ? 9  DC  B "C4'" 1 
ATOM   168 O  "O4'" . DC  B 1 3 ? 1.583   5.236   3.871   1.00 44.81 ? 9  DC  B "O4'" 1 
ATOM   169 C  "C3'" . DC  B 1 3 ? 3.075   6.555   2.579   1.00 42.51 ? 9  DC  B "C3'" 1 
ATOM   170 O  "O3'" . DC  B 1 3 ? 4.183   5.755   2.204   1.00 50.91 ? 9  DC  B "O3'" 1 
ATOM   171 C  "C2'" . DC  B 1 3 ? 1.888   6.117   1.739   1.00 41.29 ? 9  DC  B "C2'" 1 
ATOM   172 C  "C1'" . DC  B 1 3 ? 1.525   4.855   2.498   1.00 41.83 ? 9  DC  B "C1'" 1 
ATOM   173 N  N1    . DC  B 1 3 ? 0.200   4.317   2.216   1.00 41.47 ? 9  DC  B N1    1 
ATOM   174 C  C2    . DC  B 1 3 ? 0.050   2.934   2.119   1.00 43.27 ? 9  DC  B C2    1 
ATOM   175 O  O2    . DC  B 1 3 ? 1.049   2.206   2.303   1.00 39.70 ? 9  DC  B O2    1 
ATOM   176 N  N3    . DC  B 1 3 ? -1.172  2.425   1.834   1.00 36.33 ? 9  DC  B N3    1 
ATOM   177 C  C4    . DC  B 1 3 ? -2.215  3.245   1.666   1.00 34.79 ? 9  DC  B C4    1 
ATOM   178 N  N4    . DC  B 1 3 ? -3.388  2.701   1.382   1.00 32.65 ? 9  DC  B N4    1 
ATOM   179 C  C5    . DC  B 1 3 ? -2.093  4.653   1.779   1.00 35.45 ? 9  DC  B C5    1 
ATOM   180 C  C6    . DC  B 1 3 ? -0.880  5.147   2.048   1.00 41.14 ? 9  DC  B C6    1 
ATOM   181 P  P     . DG  B 1 4 ? 5.619   6.424   1.948   1.00 48.43 ? 10 DG  B P     1 
ATOM   182 O  OP1   . DG  B 1 4 ? 6.100   7.062   3.185   1.00 56.69 ? 10 DG  B OP1   1 
ATOM   183 O  OP2   . DG  B 1 4 ? 5.553   7.211   0.708   1.00 51.60 ? 10 DG  B OP2   1 
ATOM   184 O  "O5'" . DG  B 1 4 ? 6.495   5.111   1.728   1.00 54.23 ? 10 DG  B "O5'" 1 
ATOM   185 C  "C5'" . DG  B 1 4 ? 6.565   4.153   2.769   1.00 37.84 ? 10 DG  B "C5'" 1 
ATOM   186 C  "C4'" . DG  B 1 4 ? 6.758   2.777   2.193   1.00 37.37 ? 10 DG  B "C4'" 1 
ATOM   187 O  "O4'" . DG  B 1 4 ? 5.484   2.240   1.793   1.00 39.99 ? 10 DG  B "O4'" 1 
ATOM   188 C  "C3'" . DG  B 1 4 ? 7.665   2.697   0.966   1.00 41.14 ? 10 DG  B "C3'" 1 
ATOM   189 O  "O3'" . DG  B 1 4 ? 8.386   1.470   1.121   1.00 50.93 ? 10 DG  B "O3'" 1 
ATOM   190 C  "C2'" . DG  B 1 4 ? 6.683   2.618   -0.195  1.00 30.82 ? 10 DG  B "C2'" 1 
ATOM   191 C  "C1'" . DG  B 1 4 ? 5.494   1.884   0.411   1.00 41.01 ? 10 DG  B "C1'" 1 
ATOM   192 N  N9    . DG  B 1 4 ? 4.196   2.279   -0.143  1.00 31.43 ? 10 DG  B N9    1 
ATOM   193 C  C8    . DG  B 1 4 ? 3.811   3.567   -0.455  1.00 26.95 ? 10 DG  B C8    1 
ATOM   194 N  N7    . DG  B 1 4 ? 2.582   3.646   -0.890  1.00 33.61 ? 10 DG  B N7    1 
ATOM   195 C  C5    . DG  B 1 4 ? 2.130   2.333   -0.885  1.00 32.15 ? 10 DG  B C5    1 
ATOM   196 C  C6    . DG  B 1 4 ? 0.895   1.774   -1.297  1.00 33.31 ? 10 DG  B C6    1 
ATOM   197 O  O6    . DG  B 1 4 ? -0.151  2.347   -1.693  1.00 31.62 ? 10 DG  B O6    1 
ATOM   198 N  N1    . DG  B 1 4 ? 0.907   0.379   -1.190  1.00 28.21 ? 10 DG  B N1    1 
ATOM   199 C  C2    . DG  B 1 4 ? 1.951   -0.379  -0.703  1.00 29.15 ? 10 DG  B C2    1 
ATOM   200 N  N2    . DG  B 1 4 ? 1.725   -1.727  -0.637  1.00 30.18 ? 10 DG  B N2    1 
ATOM   201 N  N3    . DG  B 1 4 ? 3.092   0.129   -0.309  1.00 26.25 ? 10 DG  B N3    1 
ATOM   202 C  C4    . DG  B 1 4 ? 3.131   1.473   -0.427  1.00 26.73 ? 10 DG  B C4    1 
ATOM   203 P  P     . DC  B 1 5 ? 9.552   1.078   0.088   1.00 47.35 ? 11 DC  B P     1 
ATOM   204 O  OP1   . DC  B 1 5 ? 10.416  0.213   0.935   1.00 57.09 ? 11 DC  B OP1   1 
ATOM   205 O  OP2   . DC  B 1 5 ? 10.093  2.270   -0.575  1.00 42.34 ? 11 DC  B OP2   1 
ATOM   206 O  "O5'" . DC  B 1 5 ? 8.838   0.113   -0.939  1.00 42.25 ? 11 DC  B "O5'" 1 
ATOM   207 C  "C5'" . DC  B 1 5 ? 8.283   -1.095  -0.482  1.00 40.53 ? 11 DC  B "C5'" 1 
ATOM   208 C  "C4'" . DC  B 1 5 ? 7.313   -1.623  -1.506  1.00 44.49 ? 11 DC  B "C4'" 1 
ATOM   209 O  "O4'" . DC  B 1 5 ? 6.215   -0.708  -1.678  1.00 43.53 ? 11 DC  B "O4'" 1 
ATOM   210 C  "C3'" . DC  B 1 5 ? 7.926   -1.749  -2.893  1.00 42.23 ? 11 DC  B "C3'" 1 
ATOM   211 O  "O3'" . DC  B 1 5 ? 8.373   -3.098  -3.006  1.00 42.90 ? 11 DC  B "O3'" 1 
ATOM   212 C  "C2'" . DC  B 1 5 ? 6.741   -1.513  -3.830  1.00 37.60 ? 11 DC  B "C2'" 1 
ATOM   213 C  "C1'" . DC  B 1 5 ? 5.605   -1.055  -2.912  1.00 42.35 ? 11 DC  B "C1'" 1 
ATOM   214 N  N1    . DC  B 1 5 ? 4.879   0.139   -3.382  1.00 32.63 ? 11 DC  B N1    1 
ATOM   215 C  C2    . DC  B 1 5 ? 3.567   -0.020  -3.806  1.00 28.14 ? 11 DC  B C2    1 
ATOM   216 O  O2    . DC  B 1 5 ? 3.081   -1.175  -3.867  1.00 26.60 ? 11 DC  B O2    1 
ATOM   217 N  N3    . DC  B 1 5 ? 2.849   1.081   -4.167  1.00 29.84 ? 11 DC  B N3    1 
ATOM   218 C  C4    . DC  B 1 5 ? 3.406   2.288   -4.142  1.00 30.31 ? 11 DC  B C4    1 
ATOM   219 N  N4    . DC  B 1 5 ? 2.626   3.322   -4.497  1.00 33.15 ? 11 DC  B N4    1 
ATOM   220 C  C5    . DC  B 1 5 ? 4.781   2.481   -3.745  1.00 37.34 ? 11 DC  B C5    1 
ATOM   221 C  C6    . DC  B 1 5 ? 5.473   1.381   -3.383  1.00 31.51 ? 11 DC  B C6    1 
ATOM   222 P  P     . DC  B 1 6 ? 9.221   -3.551  -4.301  1.00 41.93 ? 12 DC  B P     1 
ATOM   223 O  OP1   . DC  B 1 6 ? 9.936   -4.748  -3.784  1.00 44.07 ? 12 DC  B OP1   1 
ATOM   224 O  OP2   . DC  B 1 6 ? 9.955   -2.465  -4.916  1.00 37.15 ? 12 DC  B OP2   1 
ATOM   225 O  "O5'" . DC  B 1 6 ? 8.096   -4.012  -5.322  1.00 31.11 ? 12 DC  B "O5'" 1 
ATOM   226 C  "C5'" . DC  B 1 6 ? 7.307   -5.171  -5.077  1.00 29.71 ? 12 DC  B "C5'" 1 
ATOM   227 C  "C4'" . DC  B 1 6 ? 6.225   -5.299  -6.128  1.00 28.53 ? 12 DC  B "C4'" 1 
ATOM   228 O  "O4'" . DC  B 1 6 ? 5.233   -4.269  -5.923  1.00 29.63 ? 12 DC  B "O4'" 1 
ATOM   229 C  "C3'" . DC  B 1 6 ? 6.710   -5.055  -7.557  1.00 35.35 ? 12 DC  B "C3'" 1 
ATOM   230 O  "O3'" . DC  B 1 6 ? 7.237   -6.256  -8.197  1.00 34.69 ? 12 DC  B "O3'" 1 
ATOM   231 C  "C2'" . DC  B 1 6 ? 5.432   -4.625  -8.278  1.00 27.02 ? 12 DC  B "C2'" 1 
ATOM   232 C  "C1'" . DC  B 1 6 ? 4.580   -3.987  -7.164  1.00 28.91 ? 12 DC  B "C1'" 1 
ATOM   233 N  N1    . DC  B 1 6 ? 4.527   -2.517  -7.285  1.00 28.02 ? 12 DC  B N1    1 
ATOM   234 C  C2    . DC  B 1 6 ? 3.297   -1.913  -7.591  1.00 24.22 ? 12 DC  B C2    1 
ATOM   235 O  O2    . DC  B 1 6 ? 2.323   -2.635  -7.834  1.00 25.98 ? 12 DC  B O2    1 
ATOM   236 N  N3    . DC  B 1 6 ? 3.213   -0.561  -7.644  1.00 24.56 ? 12 DC  B N3    1 
ATOM   237 C  C4    . DC  B 1 6 ? 4.296   0.189   -7.450  1.00 26.19 ? 12 DC  B C4    1 
ATOM   238 N  N4    . DC  B 1 6 ? 4.148   1.507   -7.525  1.00 24.66 ? 12 DC  B N4    1 
ATOM   239 C  C5    . DC  B 1 6 ? 5.593   -0.400  -7.160  1.00 27.92 ? 12 DC  B C5    1 
ATOM   240 C  C6    . DC  B 1 6 ? 5.649   -1.751  -7.092  1.00 22.85 ? 12 DC  B C6    1 
HETATM 241 MG MG    . MG  C 2 . ? -7.588  -0.318  2.069   1.00 53.72 ? 13 MG  A MG    1 
HETATM 242 CO CO    . NCO D 3 . ? -0.408  5.473   -8.622  0.5  29.15 ? 14 NCO A CO    1 
HETATM 243 N  N1    . NCO D 3 . ? 0.527   7.522   -8.556  1.00 19.69 ? 14 NCO A N1    1 
HETATM 244 N  N2    . NCO D 3 . ? 1.036   4.878   -7.017  1.00 14.45 ? 14 NCO A N2    1 
HETATM 245 O  O     . HOH E 4 . ? -2.169  4.570   -12.235 1.00 33.09 ? 18 HOH A O     1 
HETATM 246 O  O     . HOH E 4 . ? 1.930   -3.906  2.388   1.00 57.05 ? 20 HOH A O     1 
HETATM 247 O  O     . HOH E 4 . ? -2.755  -3.660  -8.428  1.00 60.85 ? 24 HOH A O     1 
HETATM 248 O  O     . HOH E 4 . ? -8.427  1.968   -6.273  1.00 52.88 ? 25 HOH A O     1 
HETATM 249 O  O     . HOH E 4 . ? -6.850  -5.999  -8.012  1.00 71.26 ? 36 HOH A O     1 
HETATM 250 O  O     . HOH E 4 . ? 1.598   -11.400 -1.680  1.00 64.79 ? 39 HOH A O     1 
HETATM 251 O  O     . HOH E 4 . ? 1.925   -14.831 5.345   1.00 69.32 ? 40 HOH A O     1 
HETATM 252 O  O     . HOH E 4 . ? -3.019  -13.586 2.669   1.00 75.92 ? 41 HOH A O     1 
HETATM 253 O  O     . HOH E 4 . ? -6.398  0.430   0.620   1.00 58.88 ? 43 HOH A O     1 
HETATM 254 O  O     . HOH E 4 . ? -9.195  0.146   0.959   1.00 65.64 ? 44 HOH A O     1 
HETATM 255 O  O     . HOH E 4 . ? -7.541  -2.114  1.195   1.00 62.83 ? 46 HOH A O     1 
HETATM 256 O  O     . HOH F 4 . ? 10.675  -2.980  -7.905  1.00 41.73 ? 15 HOH B O     1 
HETATM 257 O  O     . HOH F 4 . ? 6.581   -8.417  -8.002  1.00 48.23 ? 16 HOH B O     1 
HETATM 258 O  O     . HOH F 4 . ? 10.603  -6.929  -5.377  1.00 37.83 ? 17 HOH B O     1 
HETATM 259 O  O     . HOH F 4 . ? 2.857   6.048   -2.274  1.00 41.77 ? 19 HOH B O     1 
HETATM 260 O  O     . HOH F 4 . ? 4.431   5.454   -5.407  1.00 68.28 ? 21 HOH B O     1 
HETATM 261 O  O     . HOH F 4 . ? 6.331   3.164   -7.307  1.00 50.54 ? 22 HOH B O     1 
HETATM 262 O  O     . HOH F 4 . ? 3.328   -3.694  -3.568  1.00 46.48 ? 23 HOH B O     1 
HETATM 263 O  O     . HOH F 4 . ? -1.536  8.422   1.247   1.00 53.38 ? 26 HOH B O     1 
HETATM 264 O  O     . HOH F 4 . ? 13.781  -0.958  0.742   0.5  60.77 ? 27 HOH B O     1 
HETATM 265 O  O     . HOH F 4 . ? 0.485   -4.444  -6.153  1.00 59.34 ? 28 HOH B O     1 
HETATM 266 O  O     . HOH F 4 . ? 6.076   5.641   -1.545  1.00 67.07 ? 29 HOH B O     1 
HETATM 267 O  O     . HOH F 4 . ? 13.595  1.824   -0.957  1.00 69.13 ? 30 HOH B O     1 
HETATM 268 O  O     . HOH F 4 . ? 12.782  -0.069  -6.815  1.00 58.07 ? 31 HOH B O     1 
HETATM 269 O  O     . HOH F 4 . ? 3.588   7.664   -5.545  1.00 53.78 ? 32 HOH B O     1 
HETATM 270 O  O     . HOH F 4 . ? 11.686  -3.112  -0.138  1.00 71.96 ? 33 HOH B O     1 
HETATM 271 O  O     . HOH F 4 . ? 9.168   -3.637  2.828   1.00 72.01 ? 34 HOH B O     1 
HETATM 272 O  O     . HOH F 4 . ? 6.373   5.918   5.948   1.00 73.40 ? 35 HOH B O     1 
HETATM 273 O  O     . HOH F 4 . ? 8.707   2.674   -3.678  1.00 75.96 ? 37 HOH B O     1 
HETATM 274 O  O     . HOH F 4 . ? 10.144  3.480   -7.154  0.5  65.77 ? 38 HOH B O     1 
HETATM 275 O  O     . HOH F 4 . ? -8.803  -1.057  3.528   1.00 68.07 ? 42 HOH B O     1 
HETATM 276 O  O     . HOH F 4 . ? -5.973  -0.795  3.175   1.00 60.96 ? 45 HOH B O     1 
HETATM 277 O  O     . HOH F 4 . ? -7.626  1.502   2.964   1.00 66.82 ? 47 HOH B O     1 
# 
